data_5KED
#
_entry.id   5KED
#
_cell.length_a   53.512
_cell.length_b   207.826
_cell.length_c   53.915
_cell.angle_alpha   90.000
_cell.angle_beta   120.170
_cell.angle_gamma   90.000
#
_symmetry.space_group_name_H-M   'P 1 21 1'
#
loop_
_entity.id
_entity.type
_entity.pdbx_description
1 polymer 'Flagellar brake protein YcgR'
2 water water
#
_entity_poly.entity_id   1
_entity_poly.type   'polypeptide(L)'
_entity_poly.pdbx_seq_one_letter_code
;GSHMTEGTIKTSKYEIIAIFREELRKRTEIEIFFNNTSIITQLTRVDFAEFHIQTHRKIPSGHKIRFLLHSDSGKIEFNA
ALTKHDNSGVDKGIRYAFSLPECLQVVQRRRDPRFRLRHEHDFYCRGRHKNGENYLFDIKDISDGGCALMTKTPNLKFLS
HNALLKNAVLMLAEYGEITIDLVVKNVIVITLDNANEESESYYQISCQFKFRHLDDQRRIEKILLDLILEAKRKK
;
_entity_poly.pdbx_strand_id   D,A,B,C
#
# COMPACT_ATOMS: atom_id res chain seq x y z
N GLY A 1 -29.86 29.57 -36.46
CA GLY A 1 -28.69 30.04 -37.19
C GLY A 1 -29.07 31.17 -38.12
N SER A 2 -28.11 32.07 -38.37
CA SER A 2 -28.37 33.19 -39.24
C SER A 2 -27.28 33.36 -40.27
N HIS A 3 -26.09 32.85 -39.97
CA HIS A 3 -24.95 32.87 -40.90
C HIS A 3 -24.94 31.55 -41.67
N MET A 4 -23.93 31.38 -42.53
CA MET A 4 -23.78 30.15 -43.29
C MET A 4 -23.14 29.07 -42.43
N THR A 5 -21.96 29.37 -41.90
CA THR A 5 -21.23 28.45 -41.06
C THR A 5 -22.12 27.82 -39.98
N GLU A 6 -21.91 26.53 -39.73
CA GLU A 6 -22.77 25.79 -38.81
C GLU A 6 -22.15 25.53 -37.46
N GLY A 7 -23.00 25.37 -36.44
CA GLY A 7 -22.55 24.88 -35.16
C GLY A 7 -22.20 23.41 -35.32
N THR A 8 -21.18 22.96 -34.60
CA THR A 8 -20.69 21.60 -34.76
C THR A 8 -21.42 20.60 -33.86
N ILE A 9 -22.08 21.10 -32.82
CA ILE A 9 -22.78 20.24 -31.88
C ILE A 9 -24.28 20.28 -32.14
N LYS A 10 -24.88 19.10 -32.34
CA LYS A 10 -26.29 19.01 -32.69
C LYS A 10 -27.13 18.38 -31.57
N THR A 11 -27.99 19.19 -30.97
CA THR A 11 -28.83 18.74 -29.86
C THR A 11 -30.30 18.66 -30.24
N SER A 12 -30.62 18.99 -31.49
CA SER A 12 -32.01 19.02 -31.95
C SER A 12 -32.50 17.65 -32.39
N LYS A 13 -33.47 17.10 -31.67
CA LYS A 13 -34.03 15.80 -31.99
C LYS A 13 -34.49 15.72 -33.45
N TYR A 14 -34.84 16.87 -34.02
CA TYR A 14 -35.34 16.92 -35.40
C TYR A 14 -34.23 16.97 -36.42
N GLU A 15 -33.17 17.71 -36.11
CA GLU A 15 -32.02 17.75 -37.00
C GLU A 15 -31.28 16.41 -36.97
N ILE A 16 -31.20 15.82 -35.78
CA ILE A 16 -30.54 14.53 -35.61
C ILE A 16 -31.10 13.47 -36.56
N ILE A 17 -32.40 13.20 -36.46
CA ILE A 17 -33.04 12.25 -37.37
C ILE A 17 -32.81 12.68 -38.81
N ALA A 18 -32.99 13.98 -39.07
CA ALA A 18 -32.78 14.52 -40.40
C ALA A 18 -31.37 14.20 -40.89
N ILE A 19 -30.40 14.31 -40.00
CA ILE A 19 -29.01 14.00 -40.32
C ILE A 19 -28.84 12.51 -40.63
N PHE A 20 -29.40 11.67 -39.78
CA PHE A 20 -29.29 10.22 -39.94
C PHE A 20 -30.04 9.72 -41.18
N ARG A 21 -31.21 10.29 -41.46
CA ARG A 21 -32.00 9.88 -42.61
C ARG A 21 -31.26 10.15 -43.92
N GLU A 22 -30.64 11.33 -44.01
CA GLU A 22 -29.89 11.72 -45.19
C GLU A 22 -28.67 10.82 -45.41
N GLU A 23 -27.93 10.58 -44.33
CA GLU A 23 -26.70 9.79 -44.42
C GLU A 23 -27.00 8.33 -44.76
N LEU A 24 -28.09 7.81 -44.22
CA LEU A 24 -28.56 6.48 -44.56
C LEU A 24 -28.70 6.37 -46.08
N ARG A 25 -29.42 7.31 -46.66
CA ARG A 25 -29.74 7.29 -48.09
C ARG A 25 -28.53 7.51 -48.98
N LYS A 26 -27.41 7.91 -48.37
CA LYS A 26 -26.19 8.11 -49.13
C LYS A 26 -25.24 6.93 -48.94
N ARG A 27 -25.69 5.92 -48.21
CA ARG A 27 -24.85 4.79 -47.84
C ARG A 27 -23.59 5.25 -47.13
N THR A 28 -23.70 6.33 -46.36
CA THR A 28 -22.58 6.88 -45.63
C THR A 28 -21.97 5.83 -44.71
N GLU A 29 -20.69 5.54 -44.91
CA GLU A 29 -20.01 4.57 -44.06
C GLU A 29 -20.13 4.95 -42.60
N ILE A 30 -20.51 3.99 -41.77
CA ILE A 30 -20.52 4.20 -40.33
C ILE A 30 -19.49 3.28 -39.69
N GLU A 31 -18.62 3.86 -38.85
CA GLU A 31 -17.59 3.08 -38.18
C GLU A 31 -18.02 2.77 -36.76
N ILE A 32 -17.87 1.51 -36.36
CA ILE A 32 -18.30 1.07 -35.04
C ILE A 32 -17.10 0.62 -34.21
N PHE A 33 -16.92 1.25 -33.05
CA PHE A 33 -15.77 0.96 -32.18
C PHE A 33 -16.15 0.15 -30.94
N PHE A 34 -15.29 -0.80 -30.60
CA PHE A 34 -15.41 -1.53 -29.33
C PHE A 34 -14.15 -2.33 -29.09
N ASN A 35 -13.60 -2.22 -27.88
CA ASN A 35 -12.31 -2.81 -27.56
C ASN A 35 -11.25 -2.31 -28.54
N ASN A 36 -10.48 -3.23 -29.11
CA ASN A 36 -9.53 -2.86 -30.13
C ASN A 36 -10.08 -3.12 -31.52
N THR A 37 -11.36 -3.47 -31.59
CA THR A 37 -12.01 -3.79 -32.85
C THR A 37 -12.79 -2.61 -33.42
N SER A 38 -12.74 -2.47 -34.75
CA SER A 38 -13.55 -1.50 -35.47
C SER A 38 -14.08 -2.13 -36.75
N ILE A 39 -15.35 -1.90 -37.05
CA ILE A 39 -15.91 -2.41 -38.30
C ILE A 39 -16.58 -1.31 -39.11
N ILE A 40 -16.53 -1.44 -40.41
CA ILE A 40 -17.16 -0.48 -41.31
C ILE A 40 -18.40 -1.07 -41.96
N THR A 41 -19.52 -0.38 -41.81
CA THR A 41 -20.78 -0.83 -42.41
C THR A 41 -21.64 0.39 -42.76
N GLN A 42 -22.93 0.17 -43.00
CA GLN A 42 -23.85 1.25 -43.29
C GLN A 42 -25.10 1.21 -42.41
N LEU A 43 -25.76 2.35 -42.29
CA LEU A 43 -27.03 2.41 -41.57
C LEU A 43 -28.10 1.65 -42.35
N THR A 44 -28.67 0.64 -41.72
CA THR A 44 -29.65 -0.21 -42.40
C THR A 44 -31.09 0.28 -42.19
N ARG A 45 -31.27 1.25 -41.31
CA ARG A 45 -32.60 1.82 -41.08
C ARG A 45 -32.59 2.94 -40.05
N VAL A 46 -33.60 3.80 -40.12
CA VAL A 46 -33.74 4.89 -39.17
C VAL A 46 -35.21 5.19 -38.88
N ASP A 47 -35.61 5.03 -37.63
CA ASP A 47 -36.93 5.46 -37.19
C ASP A 47 -36.78 6.67 -36.26
N PHE A 48 -37.87 7.06 -35.60
CA PHE A 48 -37.85 8.30 -34.82
C PHE A 48 -37.07 8.18 -33.52
N ALA A 49 -36.87 6.96 -33.05
CA ALA A 49 -36.24 6.74 -31.76
C ALA A 49 -34.86 6.08 -31.84
N GLU A 50 -34.68 5.23 -32.85
CA GLU A 50 -33.48 4.41 -32.95
C GLU A 50 -32.98 4.27 -34.39
N PHE A 51 -31.68 4.11 -34.55
CA PHE A 51 -31.10 3.80 -35.86
C PHE A 51 -30.62 2.36 -35.86
N HIS A 52 -30.44 1.80 -37.06
CA HIS A 52 -30.09 0.39 -37.18
C HIS A 52 -28.77 0.15 -37.92
N ILE A 53 -28.18 -1.01 -37.65
CA ILE A 53 -27.03 -1.49 -38.37
C ILE A 53 -27.01 -3.01 -38.24
N GLN A 54 -26.55 -3.70 -39.28
CA GLN A 54 -26.49 -5.15 -39.23
C GLN A 54 -25.05 -5.63 -39.33
N THR A 55 -24.76 -6.76 -38.69
CA THR A 55 -23.42 -7.34 -38.73
C THR A 55 -23.38 -8.67 -37.98
N HIS A 56 -22.53 -9.59 -38.43
CA HIS A 56 -22.40 -10.88 -37.78
C HIS A 56 -21.64 -10.75 -36.46
N ARG A 57 -20.76 -9.76 -36.40
CA ARG A 57 -19.97 -9.51 -35.21
C ARG A 57 -20.87 -9.34 -33.99
N LYS A 58 -20.30 -9.57 -32.81
CA LYS A 58 -21.07 -9.46 -31.57
C LYS A 58 -20.65 -8.23 -30.76
N ILE A 59 -21.47 -7.19 -30.82
CA ILE A 59 -21.18 -5.93 -30.13
C ILE A 59 -21.71 -5.97 -28.70
N PRO A 60 -20.85 -5.67 -27.72
CA PRO A 60 -21.19 -5.70 -26.30
C PRO A 60 -22.32 -4.75 -25.92
N SER A 61 -23.24 -5.22 -25.11
CA SER A 61 -24.40 -4.43 -24.70
C SER A 61 -24.18 -3.78 -23.33
N GLY A 62 -25.16 -3.00 -22.89
CA GLY A 62 -25.14 -2.41 -21.55
C GLY A 62 -24.12 -1.31 -21.36
N HIS A 63 -23.79 -0.61 -22.42
CA HIS A 63 -22.88 0.54 -22.36
C HIS A 63 -22.73 1.16 -23.73
N LYS A 64 -22.76 2.50 -23.80
CA LYS A 64 -22.79 3.20 -25.08
C LYS A 64 -21.54 2.99 -25.93
N ILE A 65 -21.76 2.50 -27.14
CA ILE A 65 -20.70 2.27 -28.11
C ILE A 65 -20.30 3.57 -28.80
N ARG A 66 -19.02 3.71 -29.09
CA ARG A 66 -18.50 4.89 -29.78
C ARG A 66 -18.71 4.73 -31.29
N PHE A 67 -19.23 5.77 -31.93
CA PHE A 67 -19.51 5.74 -33.36
C PHE A 67 -18.80 6.85 -34.12
N LEU A 68 -18.72 6.67 -35.44
CA LEU A 68 -18.12 7.68 -36.30
C LEU A 68 -18.78 7.64 -37.67
N LEU A 69 -19.50 8.71 -38.01
CA LEU A 69 -20.16 8.80 -39.32
C LEU A 69 -19.34 9.62 -40.30
N HIS A 70 -18.93 8.98 -41.40
CA HIS A 70 -18.06 9.60 -42.37
C HIS A 70 -18.83 10.33 -43.47
N SER A 71 -19.55 11.39 -43.09
CA SER A 71 -20.32 12.16 -44.05
C SER A 71 -19.43 13.17 -44.78
N ASP A 72 -19.94 13.68 -45.90
CA ASP A 72 -19.21 14.67 -46.69
C ASP A 72 -18.87 15.89 -45.85
N SER A 73 -19.78 16.26 -44.95
CA SER A 73 -19.61 17.44 -44.12
C SER A 73 -18.58 17.24 -43.02
N GLY A 74 -18.17 15.99 -42.81
CA GLY A 74 -17.18 15.67 -41.80
C GLY A 74 -17.53 14.46 -40.96
N LYS A 75 -16.67 14.14 -40.01
CA LYS A 75 -16.91 13.03 -39.09
C LYS A 75 -17.93 13.41 -38.03
N ILE A 76 -19.02 12.64 -37.95
CA ILE A 76 -20.05 12.88 -36.96
C ILE A 76 -19.90 11.93 -35.77
N GLU A 77 -19.46 12.48 -34.64
CA GLU A 77 -19.21 11.69 -33.44
C GLU A 77 -20.43 11.60 -32.54
N PHE A 78 -20.65 10.41 -31.98
CA PHE A 78 -21.72 10.22 -31.02
C PHE A 78 -21.64 8.85 -30.36
N ASN A 79 -22.27 8.74 -29.19
CA ASN A 79 -22.44 7.46 -28.52
C ASN A 79 -23.89 7.04 -28.62
N ALA A 80 -24.14 5.74 -28.52
CA ALA A 80 -25.50 5.24 -28.58
C ALA A 80 -25.59 3.90 -27.85
N ALA A 81 -26.60 3.78 -27.00
CA ALA A 81 -26.80 2.55 -26.26
C ALA A 81 -27.39 1.48 -27.16
N LEU A 82 -26.97 0.24 -26.96
CA LEU A 82 -27.59 -0.89 -27.63
C LEU A 82 -28.92 -1.14 -26.95
N THR A 83 -30.01 -1.14 -27.73
CA THR A 83 -31.33 -1.24 -27.16
C THR A 83 -32.07 -2.51 -27.58
N LYS A 84 -31.49 -3.22 -28.54
CA LYS A 84 -32.12 -4.44 -29.06
C LYS A 84 -31.24 -5.12 -30.10
N HIS A 85 -31.30 -6.44 -30.16
CA HIS A 85 -30.56 -7.20 -31.16
C HIS A 85 -31.19 -8.58 -31.41
N ASP A 86 -31.11 -9.04 -32.65
CA ASP A 86 -31.65 -10.34 -33.04
C ASP A 86 -31.29 -10.65 -34.49
N ASN A 87 -31.51 -11.88 -34.91
CA ASN A 87 -31.20 -12.27 -36.29
C ASN A 87 -31.88 -11.36 -37.31
N SER A 88 -31.16 -11.04 -38.38
CA SER A 88 -31.64 -10.08 -39.38
C SER A 88 -32.37 -10.78 -40.52
N GLY A 89 -32.62 -12.08 -40.35
CA GLY A 89 -33.26 -12.87 -41.39
C GLY A 89 -32.35 -13.06 -42.59
N VAL A 90 -31.08 -12.77 -42.37
CA VAL A 90 -30.04 -12.86 -43.41
C VAL A 90 -28.88 -13.71 -42.87
N ASP A 91 -28.88 -14.99 -43.24
CA ASP A 91 -27.89 -15.94 -42.75
C ASP A 91 -27.53 -15.68 -41.30
N LYS A 92 -26.31 -15.22 -41.08
CA LYS A 92 -25.80 -15.06 -39.73
C LYS A 92 -25.87 -13.62 -39.26
N GLY A 93 -26.46 -12.74 -40.07
CA GLY A 93 -26.51 -11.32 -39.78
C GLY A 93 -27.30 -10.97 -38.52
N ILE A 94 -26.65 -10.24 -37.61
CA ILE A 94 -27.32 -9.74 -36.43
C ILE A 94 -27.85 -8.33 -36.68
N ARG A 95 -29.06 -8.06 -36.19
CA ARG A 95 -29.66 -6.75 -36.33
C ARG A 95 -29.51 -5.95 -35.04
N TYR A 96 -28.82 -4.82 -35.13
CA TYR A 96 -28.59 -3.99 -33.96
C TYR A 96 -29.39 -2.69 -34.01
N ALA A 97 -30.22 -2.47 -32.99
CA ALA A 97 -30.97 -1.24 -32.87
C ALA A 97 -30.38 -0.38 -31.75
N PHE A 98 -29.87 0.79 -32.12
CA PHE A 98 -29.31 1.72 -31.16
C PHE A 98 -30.20 2.94 -31.02
N SER A 99 -30.43 3.37 -29.78
CA SER A 99 -31.18 4.58 -29.53
C SER A 99 -30.50 5.78 -30.19
N LEU A 100 -31.27 6.55 -30.95
CA LEU A 100 -30.76 7.73 -31.61
C LEU A 100 -29.98 8.60 -30.63
N PRO A 101 -28.84 9.12 -31.08
CA PRO A 101 -28.01 9.99 -30.23
C PRO A 101 -28.77 11.26 -29.89
N GLU A 102 -28.53 11.81 -28.70
CA GLU A 102 -29.18 13.04 -28.30
C GLU A 102 -28.20 14.21 -28.40
N CYS A 103 -27.08 13.96 -29.05
CA CYS A 103 -26.07 14.99 -29.29
C CYS A 103 -25.01 14.53 -30.27
N LEU A 104 -25.05 15.06 -31.49
CA LEU A 104 -24.01 14.80 -32.47
C LEU A 104 -22.91 15.83 -32.32
N GLN A 105 -21.73 15.52 -32.86
CA GLN A 105 -20.61 16.44 -32.78
C GLN A 105 -19.73 16.30 -34.02
N VAL A 106 -19.85 17.25 -34.93
CA VAL A 106 -19.17 17.19 -36.22
C VAL A 106 -17.73 17.70 -36.12
N VAL A 107 -16.78 16.81 -36.43
CA VAL A 107 -15.37 17.17 -36.43
C VAL A 107 -14.73 16.83 -37.78
N GLN A 108 -13.49 17.26 -37.99
CA GLN A 108 -12.84 17.11 -39.28
C GLN A 108 -11.71 16.08 -39.25
N ARG A 109 -11.13 15.86 -38.07
CA ARG A 109 -10.04 14.92 -37.93
C ARG A 109 -10.51 13.56 -37.44
N ARG A 110 -9.75 12.52 -37.76
CA ARG A 110 -10.05 11.18 -37.28
C ARG A 110 -9.61 10.98 -35.84
N ARG A 111 -10.58 10.69 -34.97
CA ARG A 111 -10.29 10.43 -33.56
C ARG A 111 -10.64 8.99 -33.23
N ASP A 112 -9.65 8.12 -33.35
CA ASP A 112 -9.82 6.69 -33.12
C ASP A 112 -9.58 6.38 -31.64
N PRO A 113 -10.64 6.02 -30.91
CA PRO A 113 -10.56 5.74 -29.48
C PRO A 113 -9.65 4.54 -29.16
N ARG A 114 -9.45 3.66 -30.14
CA ARG A 114 -8.64 2.46 -29.94
C ARG A 114 -7.17 2.81 -29.66
N PHE A 115 -6.75 3.97 -30.11
CA PHE A 115 -5.36 4.39 -29.96
C PHE A 115 -5.12 5.09 -28.64
N ARG A 116 -3.97 4.81 -28.04
CA ARG A 116 -3.62 5.35 -26.74
C ARG A 116 -2.35 6.17 -26.83
N LEU A 117 -2.24 7.18 -25.97
CA LEU A 117 -1.06 8.04 -25.97
C LEU A 117 0.11 7.32 -25.32
N ARG A 118 1.25 7.33 -26.00
CA ARG A 118 2.47 6.76 -25.45
C ARG A 118 3.29 7.84 -24.80
N HIS A 119 3.04 8.04 -23.50
CA HIS A 119 3.71 9.07 -22.74
C HIS A 119 5.21 8.82 -22.66
N GLU A 120 5.90 9.65 -21.88
CA GLU A 120 7.33 9.52 -21.68
C GLU A 120 7.64 9.49 -20.18
N HIS A 121 6.59 9.44 -19.37
CA HIS A 121 6.72 9.42 -17.92
C HIS A 121 6.85 8.00 -17.39
N ASP A 122 7.22 7.88 -16.12
CA ASP A 122 7.32 6.58 -15.47
C ASP A 122 6.05 6.28 -14.68
N PHE A 123 5.04 5.73 -15.36
CA PHE A 123 3.76 5.44 -14.73
C PHE A 123 3.66 3.97 -14.33
N TYR A 124 3.10 3.73 -13.16
CA TYR A 124 2.95 2.38 -12.64
C TYR A 124 1.51 2.11 -12.21
N CYS A 125 1.18 0.82 -12.09
CA CYS A 125 -0.11 0.42 -11.55
C CYS A 125 0.11 -0.66 -10.49
N ARG A 126 -0.33 -0.37 -9.28
CA ARG A 126 -0.15 -1.29 -8.15
C ARG A 126 -1.49 -1.67 -7.55
N GLY A 127 -1.55 -2.84 -6.91
CA GLY A 127 -2.76 -3.31 -6.30
C GLY A 127 -2.68 -4.76 -5.88
N ARG A 128 -3.76 -5.25 -5.26
CA ARG A 128 -3.78 -6.62 -4.76
C ARG A 128 -4.79 -7.47 -5.51
N HIS A 129 -4.35 -8.66 -5.92
CA HIS A 129 -5.23 -9.64 -6.53
C HIS A 129 -6.19 -10.21 -5.49
N LYS A 130 -7.27 -10.81 -5.97
CA LYS A 130 -8.34 -11.30 -5.11
C LYS A 130 -7.86 -12.31 -4.06
N ASN A 131 -6.71 -12.93 -4.30
CA ASN A 131 -6.13 -13.85 -3.34
C ASN A 131 -5.09 -13.17 -2.44
N GLY A 132 -5.14 -11.85 -2.42
CA GLY A 132 -4.27 -11.06 -1.57
C GLY A 132 -2.91 -10.74 -2.17
N GLU A 133 -2.52 -11.49 -3.19
CA GLU A 133 -1.22 -11.32 -3.82
C GLU A 133 -1.05 -9.93 -4.43
N ASN A 134 0.17 -9.41 -4.36
CA ASN A 134 0.50 -8.10 -4.91
C ASN A 134 0.88 -8.16 -6.38
N TYR A 135 0.57 -7.09 -7.10
CA TYR A 135 0.95 -6.97 -8.50
C TYR A 135 1.48 -5.57 -8.81
N LEU A 136 2.44 -5.51 -9.74
CA LEU A 136 2.96 -4.23 -10.19
C LEU A 136 3.10 -4.23 -11.70
N PHE A 137 2.47 -3.27 -12.35
CA PHE A 137 2.52 -3.15 -13.80
C PHE A 137 3.15 -1.83 -14.21
N ASP A 138 3.83 -1.83 -15.35
CA ASP A 138 4.20 -0.59 -15.99
C ASP A 138 3.01 -0.12 -16.82
N ILE A 139 2.73 1.17 -16.79
CA ILE A 139 1.71 1.72 -17.68
C ILE A 139 2.38 2.22 -18.95
N LYS A 140 2.39 1.37 -19.98
CA LYS A 140 3.05 1.68 -21.23
C LYS A 140 2.40 2.86 -21.96
N ASP A 141 1.14 2.70 -22.33
CA ASP A 141 0.39 3.81 -22.93
C ASP A 141 -0.93 4.00 -22.22
N ILE A 142 -1.60 5.11 -22.48
CA ILE A 142 -2.80 5.42 -21.73
C ILE A 142 -3.81 6.25 -22.51
N SER A 143 -5.07 6.10 -22.16
CA SER A 143 -6.15 6.87 -22.79
C SER A 143 -7.29 7.06 -21.81
N ASP A 144 -8.19 7.99 -22.12
CA ASP A 144 -9.32 8.31 -21.25
C ASP A 144 -10.34 7.18 -21.16
N GLY A 145 -10.01 6.03 -21.76
CA GLY A 145 -10.89 4.88 -21.74
C GLY A 145 -10.19 3.63 -21.26
N GLY A 146 -8.86 3.64 -21.31
CA GLY A 146 -8.08 2.50 -20.85
C GLY A 146 -6.59 2.73 -20.92
N CYS A 147 -5.84 1.63 -20.79
CA CYS A 147 -4.38 1.71 -20.77
C CYS A 147 -3.78 0.34 -21.09
N ALA A 148 -2.48 0.35 -21.37
CA ALA A 148 -1.74 -0.89 -21.57
C ALA A 148 -0.76 -1.08 -20.43
N LEU A 149 -0.90 -2.21 -19.74
CA LEU A 149 -0.03 -2.52 -18.61
C LEU A 149 1.00 -3.54 -19.06
N MET A 150 2.21 -3.44 -18.53
CA MET A 150 3.26 -4.37 -18.92
C MET A 150 4.05 -4.87 -17.73
N THR A 151 4.36 -6.17 -17.75
CA THR A 151 5.17 -6.80 -16.72
C THR A 151 5.76 -8.08 -17.28
N LYS A 152 6.90 -8.50 -16.75
CA LYS A 152 7.56 -9.70 -17.23
C LYS A 152 7.12 -10.93 -16.44
N THR A 153 6.45 -10.70 -15.31
CA THR A 153 6.05 -11.78 -14.43
C THR A 153 4.62 -11.57 -13.92
N PRO A 154 3.63 -11.82 -14.78
CA PRO A 154 2.23 -11.63 -14.44
C PRO A 154 1.60 -12.89 -13.85
N ASN A 155 0.57 -12.72 -13.03
CA ASN A 155 -0.17 -13.86 -12.50
C ASN A 155 -1.38 -14.14 -13.38
N LEU A 156 -1.16 -14.89 -14.45
CA LEU A 156 -2.17 -15.09 -15.49
C LEU A 156 -3.51 -15.59 -14.96
N LYS A 157 -3.50 -16.25 -13.81
CA LYS A 157 -4.72 -16.79 -13.24
C LYS A 157 -5.75 -15.68 -13.03
N PHE A 158 -5.27 -14.48 -12.73
CA PHE A 158 -6.14 -13.34 -12.48
C PHE A 158 -6.16 -12.40 -13.68
N LEU A 159 -5.68 -12.88 -14.81
CA LEU A 159 -5.58 -12.07 -16.02
C LEU A 159 -6.24 -12.73 -17.22
N SER A 160 -7.38 -13.39 -17.00
CA SER A 160 -8.14 -13.95 -18.11
C SER A 160 -9.00 -12.86 -18.75
N HIS A 161 -9.73 -13.19 -19.81
CA HIS A 161 -10.55 -12.22 -20.52
C HIS A 161 -11.67 -11.67 -19.63
N ASN A 162 -11.87 -10.36 -19.70
CA ASN A 162 -12.87 -9.67 -18.88
C ASN A 162 -12.69 -9.92 -17.37
N ALA A 163 -11.48 -10.34 -16.99
CA ALA A 163 -11.15 -10.44 -15.58
C ALA A 163 -11.21 -9.05 -14.96
N LEU A 164 -11.34 -8.98 -13.64
CA LEU A 164 -11.50 -7.71 -12.96
C LEU A 164 -10.29 -7.35 -12.10
N LEU A 165 -10.00 -6.06 -12.02
CA LEU A 165 -8.94 -5.55 -11.16
C LEU A 165 -9.45 -4.32 -10.42
N LYS A 166 -10.18 -4.56 -9.34
CA LYS A 166 -10.88 -3.49 -8.63
C LYS A 166 -9.95 -2.74 -7.67
N ASN A 167 -10.24 -1.46 -7.47
CA ASN A 167 -9.48 -0.62 -6.55
C ASN A 167 -7.99 -0.57 -6.86
N ALA A 168 -7.63 -0.89 -8.10
CA ALA A 168 -6.26 -0.78 -8.55
C ALA A 168 -5.83 0.68 -8.50
N VAL A 169 -4.54 0.93 -8.24
CA VAL A 169 -4.07 2.29 -8.08
C VAL A 169 -3.18 2.73 -9.23
N LEU A 170 -3.63 3.72 -9.98
CA LEU A 170 -2.84 4.29 -11.05
C LEU A 170 -1.78 5.25 -10.51
N MET A 171 -0.57 4.74 -10.31
CA MET A 171 0.53 5.58 -9.85
C MET A 171 0.99 6.47 -11.01
N LEU A 172 0.43 7.68 -11.07
CA LEU A 172 0.70 8.58 -12.19
C LEU A 172 1.73 9.66 -11.89
N ALA A 173 2.76 9.31 -11.12
CA ALA A 173 3.86 10.23 -10.86
C ALA A 173 3.38 11.56 -10.29
N GLU A 174 3.81 12.66 -10.92
CA GLU A 174 3.50 14.00 -10.42
C GLU A 174 2.01 14.26 -10.35
N TYR A 175 1.26 13.68 -11.28
CA TYR A 175 -0.18 13.89 -11.36
C TYR A 175 -0.94 13.24 -10.22
N GLY A 176 -0.21 12.60 -9.31
CA GLY A 176 -0.82 11.94 -8.17
C GLY A 176 -1.27 10.53 -8.48
N GLU A 177 -2.23 10.04 -7.71
CA GLU A 177 -2.73 8.68 -7.89
C GLU A 177 -4.24 8.63 -8.07
N ILE A 178 -4.73 7.51 -8.57
CA ILE A 178 -6.10 7.38 -9.03
C ILE A 178 -6.57 5.93 -8.88
N THR A 179 -7.46 5.68 -7.91
CA THR A 179 -7.90 4.31 -7.58
C THR A 179 -9.10 3.91 -8.41
N ILE A 180 -8.91 2.89 -9.25
CA ILE A 180 -9.90 2.56 -10.24
C ILE A 180 -9.99 1.07 -10.53
N ASP A 181 -11.11 0.63 -11.08
CA ASP A 181 -11.29 -0.77 -11.43
C ASP A 181 -10.92 -0.98 -12.90
N LEU A 182 -10.16 -2.04 -13.18
CA LEU A 182 -9.75 -2.35 -14.54
C LEU A 182 -10.28 -3.71 -14.96
N VAL A 183 -10.76 -3.81 -16.20
CA VAL A 183 -11.21 -5.09 -16.72
C VAL A 183 -10.35 -5.52 -17.91
N VAL A 184 -9.59 -6.58 -17.73
CA VAL A 184 -8.70 -7.09 -18.76
C VAL A 184 -9.46 -7.38 -20.05
N LYS A 185 -9.00 -6.78 -21.15
CA LYS A 185 -9.64 -6.97 -22.45
C LYS A 185 -8.92 -8.00 -23.32
N ASN A 186 -7.59 -7.98 -23.29
CA ASN A 186 -6.80 -9.01 -23.96
C ASN A 186 -5.32 -8.98 -23.56
N VAL A 187 -4.68 -10.15 -23.63
CA VAL A 187 -3.30 -10.27 -23.18
C VAL A 187 -2.42 -10.92 -24.25
N ILE A 188 -1.28 -10.29 -24.53
CA ILE A 188 -0.35 -10.84 -25.51
C ILE A 188 1.08 -10.87 -24.95
N VAL A 189 1.90 -11.77 -25.48
CA VAL A 189 3.26 -11.91 -25.02
C VAL A 189 4.25 -11.49 -26.11
N ILE A 190 4.84 -10.31 -25.93
CA ILE A 190 5.86 -9.80 -26.84
C ILE A 190 7.22 -10.41 -26.52
N THR A 191 7.89 -10.94 -27.54
CA THR A 191 9.16 -11.64 -27.33
C THR A 191 10.30 -11.00 -28.12
N LEU A 192 11.32 -10.55 -27.40
CA LEU A 192 12.48 -9.91 -28.01
C LEU A 192 13.64 -10.89 -28.17
N ASP A 193 14.20 -10.95 -29.37
CA ASP A 193 15.36 -11.79 -29.65
C ASP A 193 15.70 -11.77 -31.15
N GLU A 198 19.67 -14.01 -25.19
CA GLU A 198 18.59 -13.23 -24.58
C GLU A 198 17.26 -13.47 -25.27
N SER A 199 16.29 -13.98 -24.52
CA SER A 199 14.94 -14.17 -25.04
C SER A 199 13.91 -13.56 -24.08
N GLU A 200 14.03 -12.25 -23.88
CA GLU A 200 13.12 -11.53 -23.00
C GLU A 200 11.68 -11.59 -23.50
N SER A 201 10.75 -11.80 -22.57
CA SER A 201 9.34 -11.79 -22.92
C SER A 201 8.57 -10.80 -22.04
N TYR A 202 7.74 -9.97 -22.67
CA TYR A 202 6.92 -9.02 -21.94
C TYR A 202 5.44 -9.29 -22.18
N TYR A 203 4.66 -9.30 -21.10
CA TYR A 203 3.22 -9.50 -21.21
C TYR A 203 2.49 -8.17 -21.23
N GLN A 204 2.06 -7.75 -22.42
CA GLN A 204 1.24 -6.56 -22.52
C GLN A 204 -0.18 -6.92 -22.15
N ILE A 205 -0.76 -6.13 -21.24
CA ILE A 205 -2.11 -6.36 -20.78
C ILE A 205 -2.96 -5.13 -21.05
N SER A 206 -3.96 -5.31 -21.91
CA SER A 206 -4.86 -4.22 -22.26
C SER A 206 -6.04 -4.19 -21.31
N CYS A 207 -6.29 -3.03 -20.71
CA CYS A 207 -7.35 -2.92 -19.73
C CYS A 207 -8.30 -1.77 -20.02
N GLN A 208 -9.60 -2.04 -19.90
CA GLN A 208 -10.61 -1.01 -20.01
C GLN A 208 -10.87 -0.42 -18.63
N PHE A 209 -10.82 0.90 -18.53
CA PHE A 209 -11.10 1.60 -17.27
C PHE A 209 -12.55 1.41 -16.85
N LYS A 210 -12.74 0.94 -15.61
CA LYS A 210 -14.07 0.89 -15.01
C LYS A 210 -14.06 1.79 -13.78
N PHE A 211 -14.53 3.01 -13.95
CA PHE A 211 -14.46 4.03 -12.91
C PHE A 211 -15.32 3.72 -11.69
N ARG A 212 -14.80 4.06 -10.52
CA ARG A 212 -15.58 4.00 -9.30
C ARG A 212 -16.41 5.27 -9.19
N HIS A 213 -15.98 6.31 -9.88
CA HIS A 213 -16.71 7.57 -9.91
C HIS A 213 -16.27 8.43 -11.08
N LEU A 214 -17.24 9.08 -11.74
CA LEU A 214 -16.96 9.86 -12.94
C LEU A 214 -15.95 10.98 -12.72
N ASP A 215 -15.72 11.36 -11.47
CA ASP A 215 -14.74 12.40 -11.19
C ASP A 215 -13.35 11.97 -11.63
N ASP A 216 -13.05 10.68 -11.46
CA ASP A 216 -11.80 10.10 -11.91
C ASP A 216 -11.61 10.34 -13.41
N GLN A 217 -12.70 10.23 -14.16
CA GLN A 217 -12.66 10.38 -15.61
C GLN A 217 -12.29 11.79 -16.04
N ARG A 218 -12.86 12.78 -15.38
CA ARG A 218 -12.59 14.17 -15.71
C ARG A 218 -11.13 14.53 -15.45
N ARG A 219 -10.51 13.81 -14.53
CA ARG A 219 -9.12 14.04 -14.16
C ARG A 219 -8.18 13.37 -15.16
N ILE A 220 -8.46 12.11 -15.48
CA ILE A 220 -7.66 11.36 -16.44
C ILE A 220 -7.74 11.97 -17.84
N GLU A 221 -8.78 12.75 -18.10
CA GLU A 221 -8.88 13.47 -19.37
C GLU A 221 -8.00 14.70 -19.38
N LYS A 222 -7.93 15.39 -18.24
CA LYS A 222 -7.08 16.56 -18.11
C LYS A 222 -5.60 16.14 -18.18
N ILE A 223 -5.26 15.12 -17.41
CA ILE A 223 -3.91 14.58 -17.42
C ILE A 223 -3.49 14.24 -18.84
N LEU A 224 -4.40 13.61 -19.57
CA LEU A 224 -4.16 13.26 -20.96
C LEU A 224 -3.88 14.52 -21.78
N LEU A 225 -4.68 15.55 -21.56
CA LEU A 225 -4.52 16.81 -22.26
C LEU A 225 -3.15 17.45 -21.98
N ASP A 226 -2.69 17.32 -20.74
CA ASP A 226 -1.42 17.89 -20.34
C ASP A 226 -0.25 17.15 -20.99
N LEU A 227 -0.50 15.93 -21.45
CA LEU A 227 0.53 15.14 -22.11
C LEU A 227 0.56 15.42 -23.60
N ILE A 228 -0.60 15.36 -24.24
CA ILE A 228 -0.71 15.66 -25.66
C ILE A 228 -0.10 17.04 -25.94
N LEU A 229 -0.30 17.96 -25.01
CA LEU A 229 0.29 19.29 -25.09
C LEU A 229 1.78 19.24 -24.78
N GLU A 230 2.15 18.36 -23.85
CA GLU A 230 3.53 18.19 -23.44
C GLU A 230 4.36 17.56 -24.56
N ALA A 231 3.68 16.86 -25.45
CA ALA A 231 4.33 16.20 -26.58
C ALA A 231 4.65 17.18 -27.69
N LYS A 232 4.11 18.39 -27.59
CA LYS A 232 4.30 19.41 -28.62
C LYS A 232 5.33 20.46 -28.23
N ARG A 233 5.52 20.65 -26.92
CA ARG A 233 6.50 21.60 -26.42
C ARG A 233 7.90 21.00 -26.49
N LYS A 234 7.96 19.67 -26.46
CA LYS A 234 9.23 18.96 -26.48
C LYS A 234 9.84 18.94 -27.88
N LYS A 235 9.01 19.22 -28.88
CA LYS A 235 9.45 19.22 -30.28
C LYS A 235 9.44 20.62 -30.87
N GLY B 1 42.36 -29.76 19.81
CA GLY B 1 42.59 -30.45 18.55
C GLY B 1 43.69 -31.48 18.67
N SER B 2 43.73 -32.43 17.74
CA SER B 2 44.73 -33.49 17.78
C SER B 2 45.41 -33.69 16.43
N HIS B 3 44.86 -33.07 15.39
CA HIS B 3 45.45 -33.12 14.06
C HIS B 3 46.23 -31.84 13.77
N MET B 4 46.82 -31.76 12.58
CA MET B 4 47.54 -30.57 12.17
C MET B 4 46.58 -29.45 11.79
N THR B 5 45.70 -29.73 10.82
CA THR B 5 44.74 -28.75 10.33
C THR B 5 43.99 -28.08 11.49
N GLU B 6 43.49 -26.88 11.23
CA GLU B 6 42.90 -26.06 12.29
C GLU B 6 41.46 -25.68 11.98
N GLY B 7 40.63 -25.65 13.02
CA GLY B 7 39.23 -25.27 12.90
C GLY B 7 39.03 -23.78 12.63
N THR B 8 38.45 -23.48 11.47
CA THR B 8 38.26 -22.10 11.00
C THR B 8 37.85 -21.08 12.06
N ILE B 9 36.98 -21.49 12.98
CA ILE B 9 36.42 -20.56 13.96
C ILE B 9 37.17 -20.61 15.29
N LYS B 10 37.33 -19.44 15.91
CA LYS B 10 38.13 -19.31 17.12
C LYS B 10 37.41 -18.55 18.25
N THR B 11 36.72 -19.29 19.10
CA THR B 11 35.98 -18.71 20.20
C THR B 11 36.77 -18.72 21.51
N SER B 12 38.05 -19.02 21.42
CA SER B 12 38.87 -19.20 22.63
C SER B 12 39.44 -17.89 23.16
N LYS B 13 38.86 -17.41 24.25
CA LYS B 13 39.27 -16.16 24.89
C LYS B 13 40.79 -15.99 24.98
N TYR B 14 41.49 -17.03 25.38
CA TYR B 14 42.94 -16.95 25.58
C TYR B 14 43.72 -17.03 24.26
N GLU B 15 43.10 -17.63 23.24
CA GLU B 15 43.73 -17.72 21.95
C GLU B 15 43.55 -16.42 21.17
N ILE B 16 42.40 -15.79 21.34
CA ILE B 16 42.12 -14.52 20.68
C ILE B 16 43.23 -13.52 20.97
N ILE B 17 43.43 -13.22 22.25
CA ILE B 17 44.46 -12.28 22.67
C ILE B 17 45.80 -12.68 22.07
N ALA B 18 46.06 -13.98 22.07
CA ALA B 18 47.30 -14.52 21.53
C ALA B 18 47.43 -14.24 20.03
N ILE B 19 46.42 -14.64 19.28
CA ILE B 19 46.38 -14.38 17.85
C ILE B 19 46.60 -12.89 17.58
N PHE B 20 45.97 -12.04 18.40
CA PHE B 20 46.10 -10.59 18.23
C PHE B 20 47.47 -10.08 18.63
N ARG B 21 48.05 -10.63 19.69
CA ARG B 21 49.37 -10.21 20.13
C ARG B 21 50.41 -10.45 19.04
N GLU B 22 50.35 -11.62 18.42
CA GLU B 22 51.32 -12.01 17.41
C GLU B 22 51.15 -11.20 16.13
N GLU B 23 49.90 -10.95 15.74
CA GLU B 23 49.62 -10.22 14.52
C GLU B 23 50.05 -8.75 14.64
N LEU B 24 49.94 -8.20 15.84
CA LEU B 24 50.38 -6.85 16.11
C LEU B 24 51.91 -6.75 16.02
N ARG B 25 52.60 -7.78 16.47
CA ARG B 25 54.06 -7.78 16.44
C ARG B 25 54.59 -8.06 15.03
N LYS B 26 53.71 -8.54 14.15
CA LYS B 26 54.10 -8.76 12.77
C LYS B 26 53.74 -7.56 11.89
N ARG B 27 53.23 -6.50 12.54
CA ARG B 27 52.73 -5.34 11.81
C ARG B 27 51.71 -5.77 10.76
N THR B 28 50.96 -6.82 11.08
CA THR B 28 49.94 -7.32 10.18
C THR B 28 48.93 -6.25 9.83
N GLU B 29 48.76 -6.00 8.53
CA GLU B 29 47.82 -4.99 8.07
C GLU B 29 46.40 -5.32 8.51
N ILE B 30 45.71 -4.33 9.07
CA ILE B 30 44.33 -4.49 9.48
C ILE B 30 43.44 -3.58 8.65
N GLU B 31 42.36 -4.16 8.11
CA GLU B 31 41.43 -3.40 7.28
C GLU B 31 40.17 -3.07 8.06
N ILE B 32 39.76 -1.81 7.98
CA ILE B 32 38.58 -1.35 8.71
C ILE B 32 37.49 -0.89 7.75
N PHE B 33 36.32 -1.51 7.84
CA PHE B 33 35.21 -1.22 6.95
C PHE B 33 34.10 -0.42 7.64
N PHE B 34 33.59 0.58 6.93
CA PHE B 34 32.40 1.31 7.35
C PHE B 34 31.82 2.10 6.18
N ASN B 35 30.52 1.92 5.95
CA ASN B 35 29.89 2.47 4.76
C ASN B 35 30.60 1.96 3.52
N ASN B 36 30.93 2.85 2.59
CA ASN B 36 31.67 2.45 1.40
C ASN B 36 33.16 2.70 1.55
N THR B 37 33.56 3.10 2.75
CA THR B 37 34.96 3.40 3.03
C THR B 37 35.71 2.20 3.57
N SER B 38 37.02 2.18 3.36
CA SER B 38 37.88 1.13 3.91
C SER B 38 39.27 1.70 4.16
N ILE B 39 39.77 1.49 5.37
CA ILE B 39 41.08 1.99 5.75
C ILE B 39 42.05 0.86 6.07
N ILE B 40 43.31 1.05 5.69
CA ILE B 40 44.37 0.10 6.01
C ILE B 40 45.35 0.71 7.00
N THR B 41 45.48 0.07 8.16
CA THR B 41 46.41 0.50 9.19
C THR B 41 46.92 -0.72 9.95
N GLN B 42 47.58 -0.51 11.07
CA GLN B 42 48.06 -1.61 11.90
C GLN B 42 47.50 -1.54 13.32
N LEU B 43 47.58 -2.66 14.02
CA LEU B 43 47.19 -2.70 15.43
C LEU B 43 48.23 -1.94 16.26
N THR B 44 47.76 -0.97 17.04
CA THR B 44 48.66 -0.12 17.81
C THR B 44 48.83 -0.58 19.25
N ARG B 45 47.95 -1.46 19.71
CA ARG B 45 48.07 -2.01 21.05
C ARG B 45 47.04 -3.10 21.33
N VAL B 46 47.35 -3.95 22.30
CA VAL B 46 46.44 -5.03 22.70
C VAL B 46 46.46 -5.25 24.21
N ASP B 47 45.29 -5.46 24.78
CA ASP B 47 45.19 -5.85 26.19
C ASP B 47 44.18 -6.98 26.36
N PHE B 48 43.93 -7.35 27.62
CA PHE B 48 43.09 -8.52 27.92
C PHE B 48 41.66 -8.35 27.43
N ALA B 49 41.24 -7.10 27.22
CA ALA B 49 39.83 -6.82 26.94
C ALA B 49 39.57 -6.19 25.58
N GLU B 50 40.53 -5.42 25.07
CA GLU B 50 40.31 -4.65 23.87
C GLU B 50 41.60 -4.29 23.12
N PHE B 51 41.52 -4.24 21.80
CA PHE B 51 42.65 -3.89 20.94
C PHE B 51 42.54 -2.43 20.49
N HIS B 52 43.59 -1.93 19.88
CA HIS B 52 43.62 -0.53 19.46
C HIS B 52 44.01 -0.34 18.01
N ILE B 53 43.58 0.78 17.44
CA ILE B 53 44.03 1.25 16.14
C ILE B 53 43.95 2.76 16.16
N GLN B 54 44.74 3.43 15.34
CA GLN B 54 44.73 4.89 15.29
C GLN B 54 44.46 5.38 13.88
N THR B 55 43.78 6.52 13.77
CA THR B 55 43.49 7.11 12.46
C THR B 55 42.77 8.45 12.62
N HIS B 56 42.95 9.33 11.65
CA HIS B 56 42.33 10.65 11.71
C HIS B 56 40.87 10.60 11.28
N ARG B 57 40.49 9.51 10.63
CA ARG B 57 39.12 9.33 10.16
C ARG B 57 38.18 9.13 11.35
N LYS B 58 36.89 9.35 11.12
CA LYS B 58 35.88 9.14 12.14
C LYS B 58 35.11 7.86 11.89
N ILE B 59 35.26 6.88 12.78
CA ILE B 59 34.53 5.64 12.68
C ILE B 59 33.26 5.74 13.53
N PRO B 60 32.10 5.42 12.93
CA PRO B 60 30.81 5.50 13.62
C PRO B 60 30.76 4.56 14.83
N SER B 61 30.37 5.11 15.98
CA SER B 61 30.36 4.36 17.23
C SER B 61 29.04 3.64 17.47
N GLY B 62 28.97 2.92 18.59
CA GLY B 62 27.76 2.22 19.00
C GLY B 62 27.31 1.17 18.00
N HIS B 63 28.23 0.73 17.14
CA HIS B 63 27.91 -0.22 16.09
C HIS B 63 29.04 -1.21 15.87
N LYS B 64 28.70 -2.42 15.45
CA LYS B 64 29.70 -3.44 15.17
C LYS B 64 30.44 -3.16 13.86
N ILE B 65 31.65 -2.65 13.97
CA ILE B 65 32.50 -2.44 12.80
C ILE B 65 33.09 -3.78 12.36
N ARG B 66 33.07 -4.03 11.06
CA ARG B 66 33.64 -5.25 10.52
C ARG B 66 35.10 -5.02 10.20
N PHE B 67 35.95 -5.95 10.64
CA PHE B 67 37.39 -5.83 10.42
C PHE B 67 37.91 -6.99 9.58
N LEU B 68 39.17 -6.87 9.18
CA LEU B 68 39.83 -7.92 8.42
C LEU B 68 41.34 -7.88 8.69
N LEU B 69 41.87 -8.97 9.24
CA LEU B 69 43.31 -9.07 9.49
C LEU B 69 43.99 -9.90 8.40
N HIS B 70 44.88 -9.26 7.65
CA HIS B 70 45.55 -9.92 6.53
C HIS B 70 46.83 -10.64 6.99
N SER B 71 46.65 -11.74 7.71
CA SER B 71 47.78 -12.50 8.24
C SER B 71 48.25 -13.55 7.25
N ASP B 72 49.46 -14.07 7.48
CA ASP B 72 50.04 -15.11 6.64
C ASP B 72 49.10 -16.31 6.58
N SER B 73 48.42 -16.58 7.69
CA SER B 73 47.59 -17.77 7.82
C SER B 73 46.19 -17.60 7.25
N GLY B 74 45.88 -16.40 6.76
CA GLY B 74 44.59 -16.13 6.16
C GLY B 74 43.89 -14.91 6.74
N LYS B 75 42.98 -14.33 5.96
CA LYS B 75 42.22 -13.16 6.38
C LYS B 75 41.32 -13.50 7.58
N ILE B 76 41.59 -12.89 8.72
CA ILE B 76 40.80 -13.14 9.92
C ILE B 76 39.63 -12.17 10.03
N GLU B 77 38.42 -12.73 10.10
CA GLU B 77 37.21 -11.92 10.18
C GLU B 77 36.68 -11.81 11.60
N PHE B 78 35.96 -10.72 11.86
CA PHE B 78 35.32 -10.48 13.15
C PHE B 78 34.67 -9.12 13.19
N ASN B 79 33.91 -8.87 14.25
CA ASN B 79 33.31 -7.56 14.50
C ASN B 79 33.89 -7.02 15.79
N ALA B 80 33.58 -5.77 16.10
CA ALA B 80 34.09 -5.15 17.32
C ALA B 80 33.39 -3.83 17.62
N ALA B 81 32.88 -3.71 18.83
CA ALA B 81 32.21 -2.49 19.24
C ALA B 81 33.24 -1.43 19.61
N LEU B 82 33.02 -0.21 19.13
CA LEU B 82 33.84 0.91 19.53
C LEU B 82 33.50 1.25 20.98
N THR B 83 34.49 1.19 21.85
CA THR B 83 34.25 1.33 23.29
C THR B 83 34.95 2.53 23.91
N LYS B 84 35.83 3.16 23.14
CA LYS B 84 36.56 4.34 23.61
C LYS B 84 37.29 5.02 22.46
N HIS B 85 37.41 6.34 22.53
CA HIS B 85 38.17 7.08 21.53
C HIS B 85 38.66 8.43 22.05
N ASP B 86 39.86 8.81 21.61
CA ASP B 86 40.46 10.09 21.97
C ASP B 86 41.67 10.36 21.10
N ASN B 87 42.53 11.29 21.53
CA ASN B 87 43.68 11.67 20.72
C ASN B 87 44.98 11.00 21.15
N SER B 88 45.78 10.58 20.18
CA SER B 88 47.02 9.83 20.44
C SER B 88 48.21 10.74 20.68
N GLY B 89 47.96 12.03 20.90
CA GLY B 89 49.03 12.99 21.07
C GLY B 89 49.99 13.00 19.91
N VAL B 90 49.51 12.50 18.77
CA VAL B 90 50.29 12.40 17.55
C VAL B 90 49.52 13.00 16.38
N ASP B 91 49.72 14.29 16.11
CA ASP B 91 48.94 14.93 15.05
C ASP B 91 47.46 14.85 15.39
N LYS B 92 46.66 14.68 14.35
CA LYS B 92 45.21 14.53 14.45
C LYS B 92 44.84 13.07 14.51
N GLY B 93 45.68 12.27 15.15
CA GLY B 93 45.48 10.85 15.24
C GLY B 93 44.55 10.45 16.37
N ILE B 94 43.33 10.08 16.00
CA ILE B 94 42.35 9.59 16.96
C ILE B 94 42.69 8.15 17.31
N ARG B 95 42.71 7.85 18.59
CA ARG B 95 42.95 6.48 19.05
C ARG B 95 41.63 5.78 19.34
N TYR B 96 41.41 4.65 18.67
CA TYR B 96 40.18 3.89 18.84
C TYR B 96 40.41 2.60 19.62
N ALA B 97 39.59 2.38 20.64
CA ALA B 97 39.66 1.16 21.43
C ALA B 97 38.43 0.31 21.16
N PHE B 98 38.64 -0.88 20.60
CA PHE B 98 37.56 -1.80 20.31
C PHE B 98 37.63 -3.03 21.19
N SER B 99 36.49 -3.42 21.75
CA SER B 99 36.41 -4.63 22.54
C SER B 99 36.90 -5.82 21.73
N LEU B 100 37.76 -6.63 22.36
CA LEU B 100 38.29 -7.82 21.72
C LEU B 100 37.15 -8.69 21.20
N PRO B 101 37.31 -9.21 19.98
CA PRO B 101 36.28 -10.08 19.39
C PRO B 101 36.13 -11.36 20.21
N GLU B 102 34.90 -11.82 20.36
CA GLU B 102 34.65 -13.07 21.08
C GLU B 102 34.45 -14.21 20.10
N CYS B 103 34.94 -14.03 18.88
CA CYS B 103 34.78 -15.00 17.79
C CYS B 103 35.67 -14.62 16.62
N LEU B 104 36.53 -15.53 16.19
CA LEU B 104 37.44 -15.29 15.08
C LEU B 104 37.19 -16.27 13.94
N GLN B 105 37.11 -15.77 12.71
CA GLN B 105 36.84 -16.65 11.57
C GLN B 105 37.83 -16.45 10.43
N VAL B 106 38.81 -17.34 10.36
CA VAL B 106 39.84 -17.29 9.33
C VAL B 106 39.30 -17.74 7.99
N VAL B 107 39.53 -16.94 6.95
CA VAL B 107 39.14 -17.32 5.60
C VAL B 107 40.31 -17.11 4.65
N GLN B 108 40.18 -17.62 3.43
CA GLN B 108 41.27 -17.55 2.46
C GLN B 108 41.04 -16.50 1.37
N ARG B 109 39.77 -16.14 1.17
CA ARG B 109 39.42 -15.16 0.15
C ARG B 109 38.84 -13.88 0.74
N ARG B 110 39.05 -12.77 0.04
CA ARG B 110 38.55 -11.47 0.50
C ARG B 110 37.03 -11.36 0.37
N ARG B 111 36.38 -11.03 1.47
CA ARG B 111 34.95 -10.82 1.48
C ARG B 111 34.66 -9.38 1.84
N ASP B 112 34.63 -8.52 0.82
CA ASP B 112 34.44 -7.08 1.01
C ASP B 112 32.96 -6.75 1.14
N PRO B 113 32.54 -6.33 2.34
CA PRO B 113 31.13 -6.05 2.65
C PRO B 113 30.60 -4.82 1.90
N ARG B 114 31.49 -4.01 1.35
CA ARG B 114 31.09 -2.81 0.64
C ARG B 114 30.45 -3.13 -0.70
N PHE B 115 30.80 -4.28 -1.26
CA PHE B 115 30.25 -4.70 -2.55
C PHE B 115 28.90 -5.38 -2.38
N ARG B 116 28.04 -5.20 -3.37
CA ARG B 116 26.69 -5.74 -3.32
C ARG B 116 26.43 -6.64 -4.52
N LEU B 117 25.45 -7.53 -4.38
CA LEU B 117 25.09 -8.42 -5.47
C LEU B 117 24.24 -7.69 -6.50
N ARG B 118 24.65 -7.79 -7.76
CA ARG B 118 23.90 -7.22 -8.86
C ARG B 118 23.06 -8.33 -9.48
N HIS B 119 21.74 -8.15 -9.45
CA HIS B 119 20.82 -9.24 -9.78
C HIS B 119 20.10 -9.03 -11.10
N GLU B 120 19.61 -10.13 -11.68
CA GLU B 120 18.82 -10.09 -12.90
C GLU B 120 17.32 -10.15 -12.56
N HIS B 121 16.97 -9.67 -11.38
CA HIS B 121 15.57 -9.67 -10.94
C HIS B 121 14.99 -8.27 -10.94
N ASP B 122 13.67 -8.18 -10.96
CA ASP B 122 12.98 -6.89 -10.90
C ASP B 122 12.54 -6.59 -9.47
N PHE B 123 13.48 -6.11 -8.66
CA PHE B 123 13.21 -5.79 -7.27
C PHE B 123 12.90 -4.32 -7.10
N TYR B 124 11.88 -4.03 -6.28
CA TYR B 124 11.47 -2.65 -6.04
C TYR B 124 11.41 -2.35 -4.55
N CYS B 125 11.26 -1.08 -4.21
CA CYS B 125 11.13 -0.65 -2.83
C CYS B 125 10.14 0.50 -2.72
N ARG B 126 8.98 0.23 -2.12
CA ARG B 126 7.92 1.23 -2.01
C ARG B 126 7.70 1.66 -0.56
N GLY B 127 7.15 2.86 -0.38
CA GLY B 127 6.88 3.40 0.95
C GLY B 127 6.41 4.84 0.91
N ARG B 128 6.13 5.40 2.08
CA ARG B 128 5.60 6.75 2.17
C ARG B 128 6.55 7.66 2.94
N HIS B 129 6.68 8.90 2.48
CA HIS B 129 7.47 9.91 3.18
C HIS B 129 6.69 10.53 4.33
N LYS B 130 7.40 11.20 5.23
CA LYS B 130 6.80 11.84 6.38
C LYS B 130 5.62 12.72 5.95
N ASN B 131 5.84 13.53 4.93
CA ASN B 131 4.81 14.46 4.47
C ASN B 131 3.63 13.74 3.81
N GLY B 132 3.74 12.42 3.71
CA GLY B 132 2.62 11.62 3.23
C GLY B 132 2.81 11.03 1.85
N GLU B 133 3.45 11.78 0.95
CA GLU B 133 3.56 11.35 -0.44
C GLU B 133 4.43 10.10 -0.61
N ASN B 134 4.03 9.24 -1.55
CA ASN B 134 4.68 7.96 -1.77
C ASN B 134 6.03 8.07 -2.47
N TYR B 135 6.81 6.99 -2.37
CA TYR B 135 8.07 6.88 -3.09
C TYR B 135 8.21 5.48 -3.70
N LEU B 136 8.80 5.42 -4.89
CA LEU B 136 9.08 4.14 -5.51
C LEU B 136 10.52 4.11 -5.99
N PHE B 137 11.24 3.07 -5.57
CA PHE B 137 12.63 2.91 -5.95
C PHE B 137 12.86 1.58 -6.64
N ASP B 138 13.75 1.59 -7.64
CA ASP B 138 14.30 0.36 -8.16
C ASP B 138 15.38 -0.09 -7.19
N ILE B 139 15.49 -1.40 -6.97
CA ILE B 139 16.59 -1.94 -6.21
C ILE B 139 17.65 -2.47 -7.17
N LYS B 140 18.70 -1.68 -7.36
CA LYS B 140 19.74 -2.03 -8.33
C LYS B 140 20.60 -3.20 -7.88
N ASP B 141 21.15 -3.11 -6.68
CA ASP B 141 21.94 -4.21 -6.13
C ASP B 141 21.61 -4.42 -4.65
N ILE B 142 22.06 -5.54 -4.11
CA ILE B 142 21.63 -5.90 -2.76
C ILE B 142 22.67 -6.72 -1.99
N SER B 143 22.63 -6.60 -0.67
CA SER B 143 23.47 -7.42 0.19
C SER B 143 22.82 -7.56 1.56
N ASP B 144 23.50 -8.28 2.44
CA ASP B 144 23.00 -8.51 3.79
C ASP B 144 23.11 -7.26 4.64
N GLY B 145 23.85 -6.27 4.13
CA GLY B 145 24.06 -5.03 4.87
C GLY B 145 23.25 -3.86 4.36
N GLY B 146 22.85 -3.92 3.10
CA GLY B 146 22.07 -2.85 2.52
C GLY B 146 21.79 -3.04 1.04
N CYS B 147 21.57 -1.94 0.33
CA CYS B 147 21.25 -1.98 -1.08
C CYS B 147 21.41 -0.62 -1.73
N ALA B 148 21.25 -0.59 -3.05
CA ALA B 148 21.28 0.64 -3.81
C ALA B 148 19.93 0.84 -4.49
N LEU B 149 19.32 2.00 -4.28
CA LEU B 149 18.04 2.31 -4.90
C LEU B 149 18.25 3.27 -6.04
N MET B 150 17.44 3.14 -7.09
CA MET B 150 17.56 4.02 -8.24
C MET B 150 16.21 4.59 -8.64
N THR B 151 16.22 5.85 -9.09
CA THR B 151 15.00 6.53 -9.49
C THR B 151 15.33 7.83 -10.20
N LYS B 152 14.58 8.14 -11.24
CA LYS B 152 14.83 9.36 -12.02
C LYS B 152 14.24 10.59 -11.33
N THR B 153 13.25 10.37 -10.47
CA THR B 153 12.57 11.48 -9.80
C THR B 153 12.45 11.23 -8.30
N PRO B 154 13.53 11.52 -7.55
CA PRO B 154 13.55 11.33 -6.09
C PRO B 154 13.13 12.60 -5.35
N ASN B 155 12.63 12.44 -4.12
CA ASN B 155 12.31 13.58 -3.28
C ASN B 155 13.50 13.88 -2.39
N LEU B 156 14.47 14.62 -2.92
CA LEU B 156 15.72 14.86 -2.22
C LEU B 156 15.55 15.36 -0.80
N LYS B 157 14.49 16.13 -0.57
CA LYS B 157 14.23 16.69 0.76
C LYS B 157 14.34 15.62 1.83
N PHE B 158 13.80 14.44 1.54
CA PHE B 158 13.75 13.36 2.51
C PHE B 158 14.86 12.33 2.28
N LEU B 159 15.92 12.75 1.57
CA LEU B 159 17.01 11.83 1.24
C LEU B 159 18.38 12.37 1.62
N SER B 160 18.42 13.34 2.54
CA SER B 160 19.69 13.88 3.00
C SER B 160 20.55 12.79 3.64
N HIS B 161 21.79 13.13 4.00
CA HIS B 161 22.68 12.16 4.62
C HIS B 161 22.07 11.59 5.89
N ASN B 162 22.26 10.30 6.11
CA ASN B 162 21.66 9.60 7.24
C ASN B 162 20.24 10.04 7.53
N ALA B 163 19.48 10.32 6.48
CA ALA B 163 18.04 10.52 6.61
C ALA B 163 17.42 9.15 6.82
N LEU B 164 16.14 9.12 7.19
CA LEU B 164 15.51 7.86 7.56
C LEU B 164 14.39 7.46 6.62
N LEU B 165 14.22 6.15 6.44
CA LEU B 165 13.11 5.58 5.69
C LEU B 165 12.51 4.44 6.50
N LYS B 166 11.64 4.80 7.43
CA LYS B 166 11.05 3.85 8.36
C LYS B 166 9.97 3.02 7.68
N ASN B 167 9.95 1.72 7.98
CA ASN B 167 8.94 0.82 7.43
C ASN B 167 8.82 0.87 5.92
N ALA B 168 9.92 0.59 5.24
CA ALA B 168 9.91 0.48 3.79
C ALA B 168 9.68 -0.97 3.40
N VAL B 169 9.14 -1.19 2.20
CA VAL B 169 8.85 -2.55 1.76
C VAL B 169 9.76 -2.97 0.63
N LEU B 170 10.56 -4.00 0.87
CA LEU B 170 11.43 -4.55 -0.14
C LEU B 170 10.67 -5.54 -1.01
N MET B 171 10.03 -5.02 -2.06
CA MET B 171 9.30 -5.87 -2.99
C MET B 171 10.29 -6.78 -3.71
N LEU B 172 10.47 -8.00 -3.20
CA LEU B 172 11.47 -8.91 -3.74
C LEU B 172 10.88 -10.01 -4.59
N ALA B 173 9.79 -9.71 -5.29
CA ALA B 173 9.19 -10.64 -6.23
C ALA B 173 8.92 -12.01 -5.61
N GLU B 174 9.48 -13.05 -6.22
CA GLU B 174 9.25 -14.42 -5.76
C GLU B 174 9.70 -14.65 -4.32
N TYR B 175 10.60 -13.80 -3.83
CA TYR B 175 11.10 -13.93 -2.47
C TYR B 175 10.22 -13.18 -1.47
N GLY B 176 8.96 -13.02 -1.82
CA GLY B 176 8.02 -12.33 -0.96
C GLY B 176 8.41 -10.88 -0.75
N GLU B 177 7.99 -10.32 0.38
CA GLU B 177 8.34 -8.95 0.71
C GLU B 177 8.93 -8.85 2.11
N ILE B 178 9.63 -7.76 2.37
CA ILE B 178 10.24 -7.53 3.67
C ILE B 178 10.12 -6.06 4.07
N THR B 179 9.36 -5.80 5.12
CA THR B 179 9.28 -4.44 5.67
C THR B 179 10.50 -4.21 6.55
N ILE B 180 11.14 -3.06 6.38
CA ILE B 180 12.39 -2.78 7.07
C ILE B 180 12.71 -1.29 7.04
N ASP B 181 13.66 -0.88 7.88
CA ASP B 181 14.05 0.53 7.95
C ASP B 181 15.32 0.78 7.13
N LEU B 182 15.40 1.94 6.49
CA LEU B 182 16.56 2.31 5.69
C LEU B 182 17.09 3.68 6.10
N VAL B 183 18.41 3.81 6.22
CA VAL B 183 19.05 5.09 6.51
C VAL B 183 20.03 5.51 5.40
N VAL B 184 19.61 6.48 4.59
CA VAL B 184 20.42 6.97 3.48
C VAL B 184 21.87 7.22 3.90
N LYS B 185 22.82 6.74 3.10
CA LYS B 185 24.23 6.90 3.41
C LYS B 185 24.95 7.85 2.46
N ASN B 186 24.65 7.75 1.16
CA ASN B 186 25.16 8.71 0.18
C ASN B 186 24.41 8.66 -1.15
N VAL B 187 24.15 9.84 -1.70
CA VAL B 187 23.36 9.95 -2.93
C VAL B 187 24.15 10.59 -4.06
N ILE B 188 24.15 9.94 -5.23
CA ILE B 188 24.84 10.46 -6.39
C ILE B 188 23.93 10.51 -7.61
N VAL B 189 24.28 11.38 -8.57
CA VAL B 189 23.53 11.52 -9.80
C VAL B 189 24.34 11.00 -10.99
N ILE B 190 23.91 9.89 -11.55
CA ILE B 190 24.56 9.32 -12.72
C ILE B 190 23.93 9.87 -14.01
N THR B 191 24.75 10.48 -14.85
CA THR B 191 24.27 11.11 -16.07
C THR B 191 24.64 10.33 -17.33
N LEU B 192 23.70 10.22 -18.26
CA LEU B 192 23.95 9.62 -19.56
C LEU B 192 23.68 10.64 -20.66
N ASP B 193 24.34 10.47 -21.81
CA ASP B 193 24.16 11.40 -22.93
C ASP B 193 24.87 10.92 -24.20
N GLU B 198 20.01 13.73 -26.02
CA GLU B 198 19.48 13.15 -24.79
C GLU B 198 20.41 13.37 -23.61
N SER B 199 19.83 13.42 -22.40
CA SER B 199 20.62 13.61 -21.19
C SER B 199 19.89 13.04 -19.98
N GLU B 200 19.81 11.71 -19.91
CA GLU B 200 19.15 11.04 -18.79
C GLU B 200 19.98 11.06 -17.52
N SER B 201 19.36 11.51 -16.43
CA SER B 201 20.04 11.51 -15.13
C SER B 201 19.35 10.55 -14.16
N TYR B 202 20.15 9.76 -13.46
CA TYR B 202 19.63 8.81 -12.49
C TYR B 202 20.17 9.09 -11.09
N TYR B 203 19.31 8.95 -10.09
CA TYR B 203 19.72 9.14 -8.71
C TYR B 203 19.92 7.82 -7.99
N GLN B 204 21.18 7.49 -7.72
CA GLN B 204 21.48 6.27 -6.98
C GLN B 204 21.55 6.58 -5.49
N ILE B 205 20.72 5.91 -4.71
CA ILE B 205 20.70 6.10 -3.27
C ILE B 205 21.20 4.87 -2.53
N SER B 206 22.34 5.00 -1.87
CA SER B 206 22.90 3.89 -1.09
C SER B 206 22.28 3.85 0.30
N CYS B 207 21.70 2.71 0.67
CA CYS B 207 21.01 2.57 1.94
C CYS B 207 21.52 1.41 2.78
N GLN B 208 21.78 1.70 4.04
CA GLN B 208 22.19 0.71 5.04
C GLN B 208 20.94 0.11 5.67
N PHE B 209 20.83 -1.21 5.67
CA PHE B 209 19.68 -1.86 6.30
C PHE B 209 19.64 -1.65 7.81
N LYS B 210 18.50 -1.21 8.31
CA LYS B 210 18.28 -1.13 9.75
C LYS B 210 17.12 -2.06 10.11
N PHE B 211 17.46 -3.30 10.42
CA PHE B 211 16.46 -4.35 10.61
C PHE B 211 15.48 -4.05 11.74
N ARG B 212 14.20 -3.93 11.37
CA ARG B 212 13.13 -3.82 12.35
C ARG B 212 13.19 -5.02 13.29
N HIS B 213 13.71 -6.14 12.79
CA HIS B 213 13.83 -7.35 13.57
C HIS B 213 14.85 -8.30 12.97
N LEU B 214 15.55 -9.05 13.81
CA LEU B 214 16.66 -9.90 13.39
C LEU B 214 16.24 -11.15 12.64
N ASP B 215 14.96 -11.25 12.26
CA ASP B 215 14.50 -12.38 11.46
C ASP B 215 14.54 -12.05 9.98
N ASP B 216 14.31 -10.78 9.66
CA ASP B 216 14.45 -10.30 8.29
C ASP B 216 15.89 -10.55 7.83
N GLN B 217 16.84 -10.29 8.72
CA GLN B 217 18.26 -10.37 8.39
C GLN B 217 18.70 -11.75 7.91
N ARG B 218 18.26 -12.79 8.62
CA ARG B 218 18.62 -14.15 8.23
C ARG B 218 17.87 -14.59 6.97
N ARG B 219 16.64 -14.10 6.81
CA ARG B 219 15.86 -14.37 5.60
C ARG B 219 16.56 -13.80 4.38
N ILE B 220 16.90 -12.52 4.46
CA ILE B 220 17.63 -11.85 3.39
C ILE B 220 18.88 -12.62 2.98
N GLU B 221 19.65 -13.07 3.97
CA GLU B 221 20.86 -13.84 3.71
C GLU B 221 20.54 -15.04 2.83
N LYS B 222 19.43 -15.72 3.14
CA LYS B 222 19.00 -16.86 2.33
C LYS B 222 18.75 -16.42 0.89
N ILE B 223 18.01 -15.33 0.73
CA ILE B 223 17.76 -14.75 -0.59
C ILE B 223 19.09 -14.53 -1.32
N LEU B 224 20.00 -13.84 -0.65
CA LEU B 224 21.34 -13.61 -1.19
C LEU B 224 21.96 -14.92 -1.64
N LEU B 225 22.17 -15.82 -0.69
CA LEU B 225 22.75 -17.13 -0.98
C LEU B 225 22.09 -17.73 -2.21
N ASP B 226 20.76 -17.68 -2.25
CA ASP B 226 20.01 -18.21 -3.37
C ASP B 226 20.41 -17.55 -4.69
N LEU B 227 20.43 -16.22 -4.71
CA LEU B 227 20.77 -15.49 -5.93
C LEU B 227 22.20 -15.73 -6.38
N ILE B 228 23.13 -15.77 -5.42
CA ILE B 228 24.54 -15.98 -5.72
C ILE B 228 24.75 -17.32 -6.43
N LEU B 229 24.20 -18.38 -5.87
CA LEU B 229 24.30 -19.70 -6.49
C LEU B 229 23.39 -19.79 -7.72
N GLU B 230 22.39 -18.92 -7.79
CA GLU B 230 21.52 -18.87 -8.95
C GLU B 230 22.26 -18.25 -10.13
N ALA B 231 23.34 -17.54 -9.82
CA ALA B 231 24.20 -16.97 -10.85
C ALA B 231 25.23 -17.99 -11.27
N LYS B 232 25.43 -19.01 -10.43
CA LYS B 232 26.35 -20.08 -10.78
C LYS B 232 25.62 -21.19 -11.55
N ARG B 233 24.30 -21.08 -11.62
CA ARG B 233 23.51 -22.07 -12.36
C ARG B 233 23.23 -21.61 -13.78
N LYS B 234 23.62 -20.37 -14.08
CA LYS B 234 23.46 -19.83 -15.42
C LYS B 234 24.66 -20.22 -16.27
N LYS B 235 25.85 -19.94 -15.75
CA LYS B 235 27.10 -20.29 -16.42
C LYS B 235 27.29 -21.81 -16.46
N GLU C 6 -14.98 29.61 -8.69
CA GLU C 6 -14.04 30.67 -8.38
C GLU C 6 -13.21 30.33 -7.15
N GLY C 7 -12.64 31.35 -6.51
CA GLY C 7 -11.83 31.15 -5.33
C GLY C 7 -10.51 30.48 -5.67
N THR C 8 -9.62 30.38 -4.70
CA THR C 8 -8.33 29.76 -4.92
C THR C 8 -8.43 28.24 -4.80
N ILE C 9 -7.93 27.55 -5.82
CA ILE C 9 -7.97 26.09 -5.83
C ILE C 9 -6.69 25.50 -5.23
N LYS C 10 -6.79 24.29 -4.71
CA LYS C 10 -5.65 23.61 -4.12
C LYS C 10 -5.68 22.11 -4.42
N THR C 11 -5.08 21.72 -5.53
CA THR C 11 -5.12 20.32 -5.98
C THR C 11 -3.92 19.51 -5.50
N SER C 12 -2.86 20.21 -5.12
CA SER C 12 -1.66 19.56 -4.60
C SER C 12 -2.06 18.62 -3.45
N LYS C 13 -2.10 17.34 -3.75
CA LYS C 13 -2.61 16.34 -2.81
C LYS C 13 -1.84 16.28 -1.49
N TYR C 14 -0.52 16.47 -1.55
CA TYR C 14 0.31 16.33 -0.36
C TYR C 14 0.04 17.40 0.69
N GLU C 15 -0.26 18.61 0.26
CA GLU C 15 -0.54 19.69 1.20
C GLU C 15 -2.04 19.85 1.48
N ILE C 16 -2.82 18.88 0.99
CA ILE C 16 -4.21 18.74 1.42
C ILE C 16 -4.18 18.06 2.78
N ILE C 17 -3.34 17.03 2.87
CA ILE C 17 -3.17 16.28 4.11
C ILE C 17 -2.75 17.20 5.26
N ALA C 18 -1.84 18.12 4.96
CA ALA C 18 -1.39 19.07 5.98
C ALA C 18 -2.53 19.96 6.43
N ILE C 19 -3.40 20.32 5.49
CA ILE C 19 -4.55 21.14 5.81
C ILE C 19 -5.50 20.40 6.73
N PHE C 20 -5.70 19.11 6.45
CA PHE C 20 -6.59 18.28 7.26
C PHE C 20 -5.99 17.94 8.62
N ARG C 21 -4.66 17.98 8.72
CA ARG C 21 -4.00 17.72 9.99
C ARG C 21 -3.97 18.97 10.84
N GLU C 22 -4.02 20.14 10.19
CA GLU C 22 -4.02 21.40 10.88
C GLU C 22 -5.41 21.74 11.39
N GLU C 23 -6.38 21.72 10.49
CA GLU C 23 -7.77 22.01 10.83
C GLU C 23 -8.32 21.01 11.85
N LEU C 24 -7.76 19.80 11.84
CA LEU C 24 -8.10 18.78 12.83
C LEU C 24 -7.72 19.29 14.21
N ARG C 25 -6.43 19.56 14.37
CA ARG C 25 -5.88 20.05 15.64
C ARG C 25 -6.46 21.41 16.04
N LYS C 26 -6.99 22.15 15.07
CA LYS C 26 -7.61 23.43 15.35
C LYS C 26 -9.08 23.26 15.71
N ARG C 27 -9.54 22.01 15.67
CA ARG C 27 -10.93 21.70 16.03
C ARG C 27 -11.89 22.39 15.07
N THR C 28 -11.40 22.71 13.88
CA THR C 28 -12.19 23.42 12.88
C THR C 28 -13.51 22.73 12.56
N GLU C 29 -14.60 23.50 12.61
CA GLU C 29 -15.94 23.00 12.33
C GLU C 29 -16.06 22.48 10.91
N ILE C 30 -16.40 21.20 10.77
CA ILE C 30 -16.65 20.63 9.46
C ILE C 30 -18.13 20.39 9.27
N GLU C 31 -18.67 20.87 8.15
CA GLU C 31 -20.10 20.77 7.87
C GLU C 31 -20.38 19.78 6.75
N ILE C 32 -21.22 18.79 7.03
CA ILE C 32 -21.46 17.69 6.11
C ILE C 32 -22.85 17.76 5.49
N PHE C 33 -22.90 17.72 4.16
CA PHE C 33 -24.17 17.81 3.43
C PHE C 33 -24.56 16.48 2.80
N PHE C 34 -25.73 15.98 3.14
CA PHE C 34 -26.32 14.86 2.40
C PHE C 34 -27.82 15.05 2.23
N ASN C 35 -28.29 14.90 0.99
CA ASN C 35 -29.65 15.26 0.63
C ASN C 35 -29.91 16.71 1.01
N ASN C 36 -30.99 16.95 1.76
CA ASN C 36 -31.32 18.29 2.21
C ASN C 36 -30.85 18.53 3.63
N THR C 37 -29.90 17.71 4.09
CA THR C 37 -29.48 17.75 5.49
C THR C 37 -28.04 18.25 5.65
N SER C 38 -27.75 18.78 6.83
CA SER C 38 -26.44 19.32 7.15
C SER C 38 -26.15 19.29 8.64
N ILE C 39 -25.07 18.61 9.02
CA ILE C 39 -24.66 18.57 10.42
C ILE C 39 -23.30 19.23 10.63
N ILE C 40 -23.11 19.80 11.81
CA ILE C 40 -21.84 20.39 12.17
C ILE C 40 -21.13 19.55 13.22
N THR C 41 -19.93 19.08 12.89
CA THR C 41 -19.14 18.27 13.80
C THR C 41 -17.67 18.67 13.71
N GLN C 42 -16.78 17.74 14.03
CA GLN C 42 -15.34 17.99 13.94
C GLN C 42 -14.62 16.79 13.34
N LEU C 43 -13.41 17.04 12.85
CA LEU C 43 -12.55 15.95 12.38
C LEU C 43 -12.10 15.14 13.58
N THR C 44 -12.18 13.82 13.48
CA THR C 44 -11.82 12.97 14.60
C THR C 44 -10.54 12.17 14.36
N ARG C 45 -10.14 12.05 13.10
CA ARG C 45 -8.86 11.41 12.77
C ARG C 45 -8.47 11.64 11.33
N VAL C 46 -7.22 12.03 11.11
CA VAL C 46 -6.72 12.30 9.77
C VAL C 46 -5.40 11.56 9.53
N ASP C 47 -5.42 10.63 8.57
CA ASP C 47 -4.20 9.95 8.16
C ASP C 47 -3.92 10.21 6.68
N PHE C 48 -2.81 9.67 6.19
CA PHE C 48 -2.37 9.94 4.82
C PHE C 48 -3.40 9.58 3.75
N ALA C 49 -4.34 8.72 4.11
CA ALA C 49 -5.31 8.21 3.13
C ALA C 49 -6.68 8.88 3.24
N GLU C 50 -7.23 8.90 4.44
CA GLU C 50 -8.60 9.38 4.63
C GLU C 50 -8.77 10.17 5.92
N PHE C 51 -9.90 10.86 6.03
CA PHE C 51 -10.25 11.61 7.23
C PHE C 51 -11.51 11.03 7.86
N HIS C 52 -11.62 11.13 9.18
CA HIS C 52 -12.74 10.54 9.90
C HIS C 52 -13.63 11.59 10.55
N ILE C 53 -14.92 11.26 10.66
CA ILE C 53 -15.86 12.08 11.43
C ILE C 53 -16.75 11.17 12.25
N GLN C 54 -17.40 11.72 13.27
CA GLN C 54 -18.29 10.93 14.12
C GLN C 54 -19.67 11.56 14.25
N THR C 55 -20.70 10.74 14.10
CA THR C 55 -22.08 11.19 14.20
C THR C 55 -22.98 9.99 14.43
N HIS C 56 -24.09 10.19 15.12
CA HIS C 56 -25.07 9.12 15.30
C HIS C 56 -25.96 9.04 14.07
N ARG C 57 -25.87 10.08 13.23
CA ARG C 57 -26.66 10.15 12.01
C ARG C 57 -26.25 9.06 11.03
N LYS C 58 -27.23 8.58 10.26
CA LYS C 58 -26.96 7.62 9.20
C LYS C 58 -26.62 8.34 7.92
N ILE C 59 -25.38 8.21 7.46
CA ILE C 59 -24.94 8.85 6.23
C ILE C 59 -25.00 7.86 5.06
N PRO C 60 -25.95 8.08 4.14
CA PRO C 60 -26.25 7.18 3.01
C PRO C 60 -25.01 6.86 2.17
N SER C 61 -24.55 5.62 2.25
CA SER C 61 -23.36 5.20 1.51
C SER C 61 -23.62 5.15 0.01
N GLY C 62 -22.61 4.67 -0.73
CA GLY C 62 -22.74 4.51 -2.17
C GLY C 62 -23.01 5.80 -2.92
N HIS C 63 -22.23 6.83 -2.62
CA HIS C 63 -22.38 8.13 -3.24
C HIS C 63 -21.42 9.11 -2.56
N LYS C 64 -21.02 10.15 -3.28
CA LYS C 64 -20.10 11.13 -2.71
C LYS C 64 -20.81 12.19 -1.87
N ILE C 65 -20.22 12.51 -0.73
CA ILE C 65 -20.79 13.48 0.19
C ILE C 65 -20.14 14.85 0.04
N ARG C 66 -20.97 15.88 -0.02
CA ARG C 66 -20.47 17.25 -0.10
C ARG C 66 -20.04 17.73 1.28
N PHE C 67 -18.89 18.39 1.35
CA PHE C 67 -18.36 18.86 2.62
C PHE C 67 -18.14 20.37 2.63
N LEU C 68 -17.86 20.91 3.81
CA LEU C 68 -17.57 22.33 3.93
C LEU C 68 -16.78 22.60 5.21
N LEU C 69 -15.46 22.53 5.10
CA LEU C 69 -14.57 22.75 6.23
C LEU C 69 -14.47 24.25 6.50
N HIS C 70 -15.00 24.69 7.64
CA HIS C 70 -15.05 26.11 7.97
C HIS C 70 -13.73 26.65 8.52
N SER C 71 -12.70 26.64 7.70
CA SER C 71 -11.36 27.05 8.13
C SER C 71 -11.20 28.57 8.26
N ASP C 72 -10.13 28.98 8.93
CA ASP C 72 -9.86 30.40 9.17
C ASP C 72 -9.57 31.16 7.88
N SER C 73 -9.07 30.46 6.87
CA SER C 73 -8.73 31.08 5.59
C SER C 73 -9.98 31.34 4.76
N GLY C 74 -11.14 30.95 5.28
CA GLY C 74 -12.40 31.10 4.58
C GLY C 74 -13.21 29.83 4.61
N LYS C 75 -14.09 29.66 3.64
CA LYS C 75 -14.86 28.43 3.51
C LYS C 75 -14.15 27.47 2.56
N ILE C 76 -13.76 26.31 3.08
CA ILE C 76 -13.05 25.32 2.29
C ILE C 76 -13.99 24.26 1.73
N GLU C 77 -14.22 24.29 0.42
CA GLU C 77 -15.16 23.39 -0.22
C GLU C 77 -14.46 22.18 -0.85
N PHE C 78 -14.94 20.98 -0.54
CA PHE C 78 -14.38 19.76 -1.11
C PHE C 78 -15.38 18.60 -1.18
N ASN C 79 -15.01 17.58 -1.94
CA ASN C 79 -15.83 16.37 -2.09
C ASN C 79 -15.07 15.17 -1.53
N ALA C 80 -15.79 14.10 -1.20
CA ALA C 80 -15.14 12.91 -0.69
C ALA C 80 -16.04 11.69 -0.72
N ALA C 81 -15.45 10.52 -0.97
CA ALA C 81 -16.19 9.27 -1.03
C ALA C 81 -16.15 8.55 0.31
N LEU C 82 -17.22 7.81 0.61
CA LEU C 82 -17.34 7.09 1.87
C LEU C 82 -16.73 5.68 1.80
N THR C 83 -15.59 5.50 2.44
CA THR C 83 -14.86 4.23 2.32
C THR C 83 -15.41 3.14 3.24
N LYS C 84 -15.69 3.48 4.48
CA LYS C 84 -16.17 2.51 5.44
C LYS C 84 -16.73 3.16 6.69
N HIS C 85 -17.38 2.36 7.52
CA HIS C 85 -18.12 2.88 8.68
C HIS C 85 -18.34 1.78 9.71
N ASP C 86 -18.35 2.16 11.00
CA ASP C 86 -18.65 1.26 12.10
C ASP C 86 -18.83 2.03 13.40
N ASN C 87 -19.05 1.33 14.50
CA ASN C 87 -19.28 1.99 15.79
C ASN C 87 -18.03 2.61 16.39
N SER C 88 -18.22 3.62 17.25
CA SER C 88 -17.11 4.35 17.86
C SER C 88 -16.91 3.96 19.32
N GLY C 89 -17.70 3.01 19.79
CA GLY C 89 -17.65 2.59 21.18
C GLY C 89 -18.02 3.71 22.13
N VAL C 90 -18.56 4.79 21.57
CA VAL C 90 -18.96 5.95 22.35
C VAL C 90 -20.43 6.28 22.12
N ASP C 91 -21.31 5.58 22.83
CA ASP C 91 -22.74 5.83 22.73
C ASP C 91 -23.27 5.50 21.34
N LYS C 92 -24.22 6.30 20.86
CA LYS C 92 -24.79 6.09 19.54
C LYS C 92 -23.78 6.43 18.43
N GLY C 93 -22.69 7.08 18.82
CA GLY C 93 -21.68 7.53 17.89
C GLY C 93 -21.27 6.51 16.85
N ILE C 94 -21.11 6.97 15.61
CA ILE C 94 -20.65 6.13 14.52
C ILE C 94 -19.34 6.64 13.95
N ARG C 95 -18.42 5.72 13.70
CA ARG C 95 -17.12 6.05 13.15
C ARG C 95 -17.13 5.99 11.63
N TYR C 96 -17.04 7.15 10.97
CA TYR C 96 -17.09 7.21 9.52
C TYR C 96 -15.73 7.54 8.90
N ALA C 97 -15.24 6.64 8.05
CA ALA C 97 -13.98 6.85 7.34
C ALA C 97 -14.24 7.39 5.93
N PHE C 98 -13.78 8.61 5.69
CA PHE C 98 -13.93 9.27 4.39
C PHE C 98 -12.59 9.42 3.69
N SER C 99 -12.49 8.91 2.48
CA SER C 99 -11.27 9.08 1.69
C SER C 99 -10.99 10.56 1.46
N LEU C 100 -9.74 10.96 1.65
CA LEU C 100 -9.34 12.36 1.45
C LEU C 100 -9.69 12.86 0.05
N PRO C 101 -9.94 14.17 -0.07
CA PRO C 101 -10.29 14.79 -1.35
C PRO C 101 -9.05 15.10 -2.20
N GLU C 102 -9.25 15.19 -3.51
CA GLU C 102 -8.17 15.48 -4.44
C GLU C 102 -8.24 16.92 -4.93
N CYS C 103 -9.21 17.67 -4.42
CA CYS C 103 -9.44 19.04 -4.86
C CYS C 103 -10.03 19.88 -3.73
N LEU C 104 -9.87 21.20 -3.83
CA LEU C 104 -10.24 22.08 -2.73
C LEU C 104 -10.41 23.53 -3.18
N GLN C 105 -11.65 24.01 -3.14
CA GLN C 105 -12.00 25.33 -3.61
C GLN C 105 -12.26 26.28 -2.44
N VAL C 106 -11.34 27.21 -2.21
CA VAL C 106 -11.44 28.12 -1.07
C VAL C 106 -12.12 29.45 -1.41
N VAL C 107 -13.37 29.59 -0.99
CA VAL C 107 -14.10 30.83 -1.19
C VAL C 107 -14.35 31.50 0.16
N GLN C 108 -14.76 32.77 0.13
CA GLN C 108 -15.04 33.49 1.36
C GLN C 108 -16.51 33.36 1.73
N ARG C 109 -17.37 33.45 0.73
CA ARG C 109 -18.81 33.36 0.93
C ARG C 109 -19.24 31.91 1.16
N ARG C 110 -20.44 31.74 1.66
CA ARG C 110 -21.01 30.42 1.92
C ARG C 110 -21.79 29.93 0.70
N ARG C 111 -21.40 28.76 0.19
CA ARG C 111 -22.05 28.21 -1.00
C ARG C 111 -22.65 26.83 -0.74
N ASP C 112 -23.86 26.84 -0.21
CA ASP C 112 -24.59 25.63 0.17
C ASP C 112 -25.15 24.92 -1.07
N PRO C 113 -24.83 23.63 -1.22
CA PRO C 113 -25.28 22.84 -2.37
C PRO C 113 -26.74 22.38 -2.21
N ARG C 114 -27.31 22.58 -1.04
CA ARG C 114 -28.71 22.21 -0.80
C ARG C 114 -29.64 23.23 -1.46
N PHE C 115 -29.08 24.36 -1.88
CA PHE C 115 -29.84 25.38 -2.60
C PHE C 115 -29.66 25.20 -4.10
N ARG C 116 -30.67 24.60 -4.74
CA ARG C 116 -30.61 24.38 -6.17
C ARG C 116 -30.87 25.65 -6.97
N LEU C 117 -30.44 25.65 -8.23
CA LEU C 117 -30.60 26.82 -9.07
C LEU C 117 -32.04 27.02 -9.50
N ARG C 118 -32.63 28.12 -9.05
CA ARG C 118 -33.96 28.51 -9.51
C ARG C 118 -33.85 28.98 -10.95
N HIS C 119 -34.99 29.18 -11.61
CA HIS C 119 -34.98 29.63 -13.00
C HIS C 119 -36.38 30.01 -13.45
N GLU C 120 -36.42 30.81 -14.51
CA GLU C 120 -37.69 31.21 -15.13
C GLU C 120 -37.83 30.61 -16.52
N HIS C 121 -37.29 29.41 -16.70
CA HIS C 121 -37.44 28.68 -17.95
C HIS C 121 -38.62 27.74 -17.89
N ASP C 122 -38.82 26.98 -18.97
CA ASP C 122 -39.89 26.00 -19.03
C ASP C 122 -39.35 24.59 -19.12
N PHE C 123 -38.70 24.14 -18.05
CA PHE C 123 -38.15 22.80 -18.01
C PHE C 123 -39.21 21.80 -17.59
N TYR C 124 -39.10 20.58 -18.08
CA TYR C 124 -40.07 19.54 -17.77
C TYR C 124 -39.38 18.20 -17.67
N CYS C 125 -40.06 17.22 -17.08
CA CYS C 125 -39.53 15.87 -17.04
C CYS C 125 -40.64 14.89 -17.42
N ARG C 126 -40.39 14.12 -18.47
CA ARG C 126 -41.35 13.12 -18.93
C ARG C 126 -40.72 11.74 -19.01
N GLY C 127 -41.56 10.75 -19.27
CA GLY C 127 -41.13 9.38 -19.34
C GLY C 127 -42.25 8.45 -18.94
N ARG C 128 -41.91 7.20 -18.67
CA ARG C 128 -42.91 6.22 -18.27
C ARG C 128 -42.46 5.40 -17.08
N HIS C 129 -43.38 5.13 -16.17
CA HIS C 129 -43.08 4.31 -15.01
C HIS C 129 -42.89 2.87 -15.39
N LYS C 130 -42.51 2.05 -14.42
CA LYS C 130 -42.24 0.63 -14.65
C LYS C 130 -43.48 -0.10 -15.14
N ASN C 131 -44.59 0.62 -15.25
CA ASN C 131 -45.84 0.04 -15.73
C ASN C 131 -46.15 0.48 -17.16
N GLY C 132 -45.29 1.32 -17.71
CA GLY C 132 -45.47 1.80 -19.08
C GLY C 132 -46.31 3.07 -19.15
N GLU C 133 -46.80 3.51 -18.00
CA GLU C 133 -47.65 4.69 -17.92
C GLU C 133 -46.84 5.98 -18.05
N ASN C 134 -47.44 6.99 -18.67
CA ASN C 134 -46.72 8.22 -19.00
C ASN C 134 -46.88 9.32 -17.94
N TYR C 135 -45.75 9.93 -17.56
CA TYR C 135 -45.77 11.01 -16.57
C TYR C 135 -45.11 12.29 -17.09
N LEU C 136 -45.40 13.40 -16.41
CA LEU C 136 -44.80 14.69 -16.75
C LEU C 136 -44.74 15.59 -15.52
N PHE C 137 -43.60 16.23 -15.30
CA PHE C 137 -43.43 17.15 -14.19
C PHE C 137 -43.01 18.53 -14.67
N ASP C 138 -43.07 19.50 -13.77
CA ASP C 138 -42.41 20.78 -13.99
C ASP C 138 -41.13 20.78 -13.16
N ILE C 139 -39.99 20.97 -13.81
CA ILE C 139 -38.73 21.09 -13.09
C ILE C 139 -38.63 22.48 -12.47
N LYS C 140 -38.91 22.56 -11.18
CA LYS C 140 -38.99 23.83 -10.47
C LYS C 140 -37.61 24.46 -10.22
N ASP C 141 -36.64 23.62 -9.87
CA ASP C 141 -35.26 24.07 -9.72
C ASP C 141 -34.31 22.90 -9.97
N ILE C 142 -33.06 23.21 -10.26
CA ILE C 142 -32.12 22.18 -10.69
C ILE C 142 -30.69 22.48 -10.26
N SER C 143 -29.87 21.43 -10.20
CA SER C 143 -28.47 21.59 -9.83
C SER C 143 -27.60 20.56 -10.55
N ASP C 144 -26.32 20.54 -10.22
CA ASP C 144 -25.39 19.60 -10.80
C ASP C 144 -25.70 18.17 -10.36
N GLY C 145 -26.45 18.05 -9.28
CA GLY C 145 -26.70 16.75 -8.67
C GLY C 145 -28.14 16.28 -8.66
N GLY C 146 -29.07 17.19 -8.86
CA GLY C 146 -30.49 16.84 -8.85
C GLY C 146 -31.42 18.00 -9.16
N CYS C 147 -32.72 17.78 -8.97
CA CYS C 147 -33.72 18.80 -9.25
C CYS C 147 -34.99 18.61 -8.43
N ALA C 148 -35.93 19.55 -8.55
CA ALA C 148 -37.19 19.50 -7.82
C ALA C 148 -38.38 19.37 -8.77
N LEU C 149 -38.82 18.13 -8.98
CA LEU C 149 -39.96 17.88 -9.84
C LEU C 149 -41.27 18.18 -9.13
N MET C 150 -42.25 18.71 -9.87
CA MET C 150 -43.54 19.04 -9.28
C MET C 150 -44.71 18.67 -10.18
N THR C 151 -45.83 18.29 -9.54
CA THR C 151 -47.03 17.89 -10.25
C THR C 151 -48.22 17.92 -9.29
N LYS C 152 -49.39 18.26 -9.81
CA LYS C 152 -50.61 18.24 -9.02
C LYS C 152 -51.16 16.82 -8.95
N THR C 153 -50.79 16.00 -9.95
CA THR C 153 -51.32 14.64 -10.06
C THR C 153 -50.20 13.60 -10.20
N PRO C 154 -49.48 13.36 -9.11
CA PRO C 154 -48.38 12.38 -9.14
C PRO C 154 -48.92 10.95 -9.02
N ASN C 155 -48.17 10.00 -9.56
CA ASN C 155 -48.47 8.60 -9.34
C ASN C 155 -47.60 8.09 -8.19
N LEU C 156 -48.05 8.35 -6.96
CA LEU C 156 -47.29 8.03 -5.77
C LEU C 156 -46.93 6.54 -5.66
N LYS C 157 -47.56 5.73 -6.51
CA LYS C 157 -47.27 4.31 -6.53
C LYS C 157 -45.78 4.05 -6.76
N PHE C 158 -45.17 4.80 -7.67
CA PHE C 158 -43.77 4.59 -8.01
C PHE C 158 -42.86 5.70 -7.49
N LEU C 159 -43.22 6.30 -6.36
CA LEU C 159 -42.47 7.46 -5.86
C LEU C 159 -42.02 7.34 -4.41
N SER C 160 -41.71 6.12 -3.97
CA SER C 160 -41.24 5.91 -2.60
C SER C 160 -39.81 6.42 -2.43
N HIS C 161 -39.36 6.50 -1.18
CA HIS C 161 -38.02 6.99 -0.87
C HIS C 161 -36.96 6.14 -1.56
N ASN C 162 -35.98 6.81 -2.17
CA ASN C 162 -34.91 6.13 -2.91
C ASN C 162 -35.43 5.32 -4.09
N ALA C 163 -36.63 5.65 -4.56
CA ALA C 163 -37.17 5.03 -5.77
C ALA C 163 -36.40 5.55 -6.98
N LEU C 164 -36.50 4.84 -8.11
CA LEU C 164 -35.68 5.15 -9.27
C LEU C 164 -36.48 5.36 -10.56
N LEU C 165 -36.32 6.53 -11.16
CA LEU C 165 -36.97 6.86 -12.42
C LEU C 165 -36.08 6.51 -13.60
N LYS C 166 -36.23 5.28 -14.09
CA LYS C 166 -35.40 4.78 -15.19
C LYS C 166 -35.63 5.58 -16.46
N ASN C 167 -34.57 5.77 -17.23
CA ASN C 167 -34.65 6.43 -18.53
C ASN C 167 -35.55 7.66 -18.55
N ALA C 168 -35.54 8.44 -17.47
CA ALA C 168 -36.34 9.65 -17.40
C ALA C 168 -35.78 10.72 -18.34
N VAL C 169 -36.66 11.41 -19.04
CA VAL C 169 -36.23 12.42 -20.00
C VAL C 169 -36.32 13.83 -19.44
N LEU C 170 -35.16 14.43 -19.17
CA LEU C 170 -35.10 15.84 -18.82
C LEU C 170 -35.40 16.65 -20.07
N MET C 171 -36.40 17.52 -19.98
CA MET C 171 -36.76 18.37 -21.11
C MET C 171 -36.27 19.79 -20.86
N LEU C 172 -35.06 20.08 -21.35
CA LEU C 172 -34.40 21.33 -21.07
C LEU C 172 -34.55 22.33 -22.22
N ALA C 173 -35.68 22.25 -22.91
CA ALA C 173 -36.00 23.18 -23.99
C ALA C 173 -34.83 23.39 -24.93
N GLU C 174 -34.40 24.64 -25.04
CA GLU C 174 -33.33 25.03 -25.95
C GLU C 174 -32.05 24.22 -25.74
N TYR C 175 -31.83 23.77 -24.52
CA TYR C 175 -30.59 23.07 -24.18
C TYR C 175 -30.60 21.59 -24.59
N GLY C 176 -31.76 21.08 -24.99
CA GLY C 176 -31.87 19.72 -25.49
C GLY C 176 -32.64 18.80 -24.58
N GLU C 177 -32.34 17.51 -24.67
CA GLU C 177 -32.98 16.49 -23.83
C GLU C 177 -31.95 15.49 -23.33
N ILE C 178 -31.94 15.25 -22.03
CA ILE C 178 -31.03 14.29 -21.44
C ILE C 178 -31.76 13.16 -20.72
N THR C 179 -31.81 11.99 -21.36
CA THR C 179 -32.37 10.82 -20.73
C THR C 179 -31.44 10.37 -19.61
N ILE C 180 -32.02 10.07 -18.45
CA ILE C 180 -31.23 9.88 -17.25
C ILE C 180 -31.97 9.01 -16.23
N ASP C 181 -31.29 8.72 -15.12
CA ASP C 181 -31.92 8.00 -14.01
C ASP C 181 -32.05 8.93 -12.81
N LEU C 182 -33.27 9.02 -12.27
CA LEU C 182 -33.53 9.92 -11.17
C LEU C 182 -33.96 9.15 -9.92
N VAL C 183 -33.37 9.50 -8.78
CA VAL C 183 -33.76 8.87 -7.53
C VAL C 183 -34.55 9.83 -6.65
N VAL C 184 -35.65 9.33 -6.09
CA VAL C 184 -36.50 10.14 -5.24
C VAL C 184 -35.93 10.30 -3.85
N LYS C 185 -35.64 11.55 -3.46
CA LYS C 185 -35.11 11.84 -2.14
C LYS C 185 -36.20 12.21 -1.13
N ASN C 186 -36.89 13.31 -1.40
CA ASN C 186 -37.91 13.81 -0.48
C ASN C 186 -39.18 14.28 -1.18
N VAL C 187 -40.30 13.65 -0.83
CA VAL C 187 -41.58 14.01 -1.42
C VAL C 187 -42.50 14.71 -0.41
N ILE C 188 -42.82 15.96 -0.69
CA ILE C 188 -43.72 16.70 0.19
C ILE C 188 -44.96 17.18 -0.57
N VAL C 189 -45.92 17.74 0.16
CA VAL C 189 -47.15 18.21 -0.44
C VAL C 189 -47.47 19.63 -0.01
N ILE C 190 -47.31 20.58 -0.93
CA ILE C 190 -47.61 21.98 -0.64
C ILE C 190 -49.06 22.30 -1.00
N THR C 191 -49.71 23.07 -0.13
CA THR C 191 -51.12 23.40 -0.31
C THR C 191 -51.41 24.89 -0.19
N LEU C 192 -52.08 25.43 -1.21
CA LEU C 192 -52.46 26.84 -1.21
C LEU C 192 -53.90 27.01 -0.72
N ASP C 193 -54.07 27.06 0.60
CA ASP C 193 -55.39 27.18 1.20
C ASP C 193 -55.74 28.65 1.48
N GLU C 198 -60.97 27.63 -1.59
CA GLU C 198 -60.33 26.68 -2.49
C GLU C 198 -58.89 26.35 -2.07
N SER C 199 -58.54 25.07 -2.10
CA SER C 199 -57.19 24.64 -1.77
C SER C 199 -56.65 23.70 -2.85
N GLU C 200 -55.44 24.01 -3.34
CA GLU C 200 -54.81 23.22 -4.38
C GLU C 200 -53.54 22.58 -3.83
N SER C 201 -53.32 21.30 -4.17
CA SER C 201 -52.23 20.55 -3.57
C SER C 201 -51.21 20.06 -4.59
N TYR C 202 -50.01 20.64 -4.53
CA TYR C 202 -48.93 20.25 -5.42
C TYR C 202 -47.96 19.31 -4.70
N TYR C 203 -47.42 18.36 -5.46
CA TYR C 203 -46.43 17.42 -4.91
C TYR C 203 -45.03 17.80 -5.37
N GLN C 204 -44.12 17.94 -4.43
CA GLN C 204 -42.73 18.26 -4.77
C GLN C 204 -41.83 17.07 -4.52
N ILE C 205 -41.39 16.43 -5.60
CA ILE C 205 -40.51 15.27 -5.49
C ILE C 205 -39.06 15.68 -5.73
N SER C 206 -38.29 15.83 -4.66
CA SER C 206 -36.87 16.11 -4.78
C SER C 206 -36.15 14.88 -5.30
N CYS C 207 -35.34 15.06 -6.34
CA CYS C 207 -34.65 13.92 -6.96
C CYS C 207 -33.16 14.17 -7.08
N GLN C 208 -32.40 13.08 -7.06
CA GLN C 208 -30.97 13.14 -7.29
C GLN C 208 -30.62 12.47 -8.61
N PHE C 209 -29.83 13.15 -9.42
CA PHE C 209 -29.41 12.62 -10.72
C PHE C 209 -28.49 11.43 -10.54
N LYS C 210 -28.74 10.38 -11.33
CA LYS C 210 -27.84 9.23 -11.37
C LYS C 210 -27.25 9.19 -12.77
N PHE C 211 -26.16 9.92 -12.97
CA PHE C 211 -25.61 10.14 -14.31
C PHE C 211 -25.14 8.87 -15.02
N ARG C 212 -25.44 8.82 -16.32
CA ARG C 212 -25.11 7.69 -17.17
C ARG C 212 -23.68 7.78 -17.67
N HIS C 213 -23.46 8.66 -18.64
CA HIS C 213 -22.14 8.91 -19.20
C HIS C 213 -21.69 10.30 -18.75
N LEU C 214 -20.41 10.48 -18.47
CA LEU C 214 -19.89 11.78 -18.06
C LEU C 214 -20.43 12.87 -18.98
N ASP C 215 -20.49 12.58 -20.27
CA ASP C 215 -20.98 13.53 -21.25
C ASP C 215 -22.22 14.26 -20.74
N ASP C 216 -23.19 13.48 -20.27
CA ASP C 216 -24.43 14.03 -19.74
C ASP C 216 -24.15 15.03 -18.63
N GLN C 217 -23.44 14.58 -17.60
CA GLN C 217 -23.11 15.43 -16.46
C GLN C 217 -22.38 16.70 -16.90
N ARG C 218 -21.32 16.54 -17.67
CA ARG C 218 -20.57 17.68 -18.18
C ARG C 218 -21.54 18.61 -18.91
N ARG C 219 -22.37 18.03 -19.76
CA ARG C 219 -23.34 18.78 -20.55
C ARG C 219 -24.29 19.55 -19.65
N ILE C 220 -24.83 18.88 -18.63
CA ILE C 220 -25.70 19.53 -17.67
C ILE C 220 -24.97 20.66 -16.94
N GLU C 221 -23.73 20.40 -16.53
CA GLU C 221 -22.91 21.42 -15.91
C GLU C 221 -22.81 22.63 -16.84
N LYS C 222 -22.58 22.36 -18.12
CA LYS C 222 -22.54 23.43 -19.12
C LYS C 222 -23.80 24.27 -19.03
N ILE C 223 -24.95 23.61 -18.91
CA ILE C 223 -26.22 24.31 -18.85
C ILE C 223 -26.28 25.23 -17.64
N LEU C 224 -26.17 24.64 -16.45
CA LEU C 224 -26.23 25.40 -15.21
C LEU C 224 -25.35 26.65 -15.26
N LEU C 225 -24.11 26.48 -15.72
CA LEU C 225 -23.20 27.62 -15.81
C LEU C 225 -23.79 28.68 -16.72
N ASP C 226 -24.30 28.23 -17.86
CA ASP C 226 -24.92 29.11 -18.82
C ASP C 226 -26.10 29.81 -18.18
N LEU C 227 -26.76 29.10 -17.30
CA LEU C 227 -27.93 29.59 -16.61
C LEU C 227 -27.55 30.57 -15.51
N ILE C 228 -26.34 30.43 -14.98
CA ILE C 228 -25.85 31.31 -13.93
C ILE C 228 -25.67 32.72 -14.47
N LEU C 229 -24.99 32.83 -15.60
CA LEU C 229 -24.66 34.12 -16.19
C LEU C 229 -25.86 34.83 -16.80
N GLU C 230 -26.74 34.07 -17.45
CA GLU C 230 -27.93 34.66 -18.08
C GLU C 230 -28.72 35.50 -17.07
N ALA C 231 -28.84 35.01 -15.85
CA ALA C 231 -29.57 35.71 -14.80
C ALA C 231 -28.84 37.01 -14.42
N LYS C 232 -27.52 36.93 -14.31
CA LYS C 232 -26.70 38.09 -14.02
C LYS C 232 -26.95 39.17 -15.07
N ARG C 233 -26.87 38.79 -16.33
CA ARG C 233 -27.07 39.71 -17.44
C ARG C 233 -28.39 40.48 -17.30
N LYS C 234 -29.43 39.79 -16.83
CA LYS C 234 -30.72 40.43 -16.59
C LYS C 234 -30.63 41.44 -15.46
N LYS C 235 -30.09 41.00 -14.32
CA LYS C 235 -30.03 41.82 -13.12
C LYS C 235 -29.44 43.20 -13.39
N GLU D 6 11.27 -29.77 12.74
CA GLU D 6 10.81 -31.00 12.13
C GLU D 6 9.48 -30.78 11.42
N GLY D 7 9.01 -31.82 10.72
CA GLY D 7 7.74 -31.76 10.03
C GLY D 7 7.83 -31.05 8.70
N THR D 8 6.74 -30.41 8.29
CA THR D 8 6.70 -29.68 7.03
C THR D 8 6.72 -28.18 7.29
N ILE D 9 7.07 -27.41 6.27
CA ILE D 9 7.15 -25.96 6.39
C ILE D 9 6.31 -25.27 5.31
N LYS D 10 5.76 -24.11 5.63
CA LYS D 10 4.98 -23.33 4.67
C LYS D 10 5.36 -21.85 4.70
N THR D 11 6.15 -21.42 3.72
CA THR D 11 6.61 -20.04 3.65
C THR D 11 5.81 -19.26 2.63
N SER D 12 5.04 -19.97 1.81
CA SER D 12 4.26 -19.36 0.75
C SER D 12 3.37 -18.22 1.29
N LYS D 13 3.70 -16.99 0.91
CA LYS D 13 3.00 -15.81 1.41
C LYS D 13 1.49 -15.87 1.19
N TYR D 14 1.06 -16.49 0.09
CA TYR D 14 -0.36 -16.58 -0.23
C TYR D 14 -1.00 -17.81 0.42
N GLU D 15 -0.19 -18.83 0.63
CA GLU D 15 -0.67 -20.08 1.24
C GLU D 15 -0.93 -19.90 2.73
N ILE D 16 -0.29 -18.90 3.32
CA ILE D 16 -0.46 -18.62 4.74
C ILE D 16 -1.76 -17.86 5.00
N ILE D 17 -2.03 -16.84 4.19
CA ILE D 17 -3.25 -16.07 4.31
C ILE D 17 -4.47 -16.98 4.18
N ALA D 18 -4.42 -17.89 3.21
CA ALA D 18 -5.51 -18.82 2.98
C ALA D 18 -5.75 -19.71 4.20
N ILE D 19 -4.65 -20.07 4.88
CA ILE D 19 -4.74 -20.91 6.07
C ILE D 19 -5.39 -20.15 7.22
N PHE D 20 -5.24 -18.83 7.22
CA PHE D 20 -5.79 -18.00 8.29
C PHE D 20 -7.27 -17.70 8.10
N ARG D 21 -7.70 -17.53 6.85
CA ARG D 21 -9.13 -17.39 6.57
C ARG D 21 -9.85 -18.66 6.99
N GLU D 22 -9.20 -19.80 6.78
CA GLU D 22 -9.82 -21.09 7.01
C GLU D 22 -9.93 -21.41 8.49
N GLU D 23 -8.80 -21.35 9.19
CA GLU D 23 -8.77 -21.62 10.63
C GLU D 23 -9.65 -20.64 11.39
N LEU D 24 -9.72 -19.40 10.89
CA LEU D 24 -10.61 -18.40 11.46
C LEU D 24 -12.03 -18.93 11.45
N ARG D 25 -12.54 -19.20 10.26
CA ARG D 25 -13.92 -19.67 10.07
C ARG D 25 -14.19 -20.99 10.79
N LYS D 26 -13.14 -21.75 11.08
CA LYS D 26 -13.30 -23.02 11.78
C LYS D 26 -13.19 -22.84 13.30
N ARG D 27 -12.98 -21.60 13.72
CA ARG D 27 -12.82 -21.25 15.13
C ARG D 27 -11.63 -21.94 15.77
N THR D 28 -10.72 -22.47 14.95
CA THR D 28 -9.55 -23.18 15.46
C THR D 28 -8.87 -22.43 16.60
N GLU D 29 -8.70 -23.10 17.75
CA GLU D 29 -8.08 -22.48 18.91
C GLU D 29 -6.66 -22.01 18.62
N ILE D 30 -6.38 -20.75 18.93
CA ILE D 30 -5.03 -20.23 18.82
C ILE D 30 -4.45 -20.06 20.23
N GLU D 31 -3.23 -20.55 20.43
CA GLU D 31 -2.60 -20.49 21.75
C GLU D 31 -1.47 -19.45 21.76
N ILE D 32 -1.66 -18.40 22.55
CA ILE D 32 -0.71 -17.30 22.59
C ILE D 32 0.27 -17.45 23.76
N PHE D 33 1.54 -17.10 23.53
CA PHE D 33 2.58 -17.25 24.53
C PHE D 33 3.30 -15.93 24.80
N PHE D 34 3.17 -15.40 26.01
CA PHE D 34 4.02 -14.30 26.45
C PHE D 34 4.67 -14.58 27.80
N ASN D 35 5.99 -14.48 27.83
CA ASN D 35 6.77 -14.87 29.01
C ASN D 35 6.47 -16.32 29.38
N ASN D 36 6.08 -16.54 30.62
CA ASN D 36 5.73 -17.88 31.08
C ASN D 36 4.24 -18.15 30.98
N THR D 37 3.52 -17.24 30.33
CA THR D 37 2.06 -17.29 30.27
C THR D 37 1.53 -17.83 28.95
N SER D 38 0.28 -18.30 28.97
CA SER D 38 -0.37 -18.82 27.77
C SER D 38 -1.90 -18.68 27.84
N ILE D 39 -2.48 -18.14 26.78
CA ILE D 39 -3.94 -18.04 26.69
C ILE D 39 -4.47 -18.77 25.46
N ILE D 40 -5.63 -19.38 25.61
CA ILE D 40 -6.31 -20.02 24.49
C ILE D 40 -7.49 -19.18 24.07
N THR D 41 -7.52 -18.80 22.79
CA THR D 41 -8.60 -17.99 22.26
C THR D 41 -8.83 -18.32 20.79
N GLN D 42 -9.39 -17.36 20.06
CA GLN D 42 -9.67 -17.56 18.64
C GLN D 42 -9.26 -16.35 17.81
N LEU D 43 -9.11 -16.58 16.51
CA LEU D 43 -8.88 -15.49 15.57
C LEU D 43 -10.17 -14.71 15.35
N THR D 44 -10.12 -13.40 15.55
CA THR D 44 -11.32 -12.58 15.43
C THR D 44 -11.41 -11.84 14.10
N ARG D 45 -10.27 -11.68 13.44
CA ARG D 45 -10.26 -11.07 12.11
C ARG D 45 -8.98 -11.41 11.34
N VAL D 46 -9.13 -11.71 10.06
CA VAL D 46 -8.01 -12.03 9.21
C VAL D 46 -8.08 -11.24 7.91
N ASP D 47 -7.41 -10.09 7.87
CA ASP D 47 -7.32 -9.34 6.63
C ASP D 47 -6.10 -9.80 5.82
N PHE D 48 -5.47 -8.87 5.12
CA PHE D 48 -4.43 -9.24 4.15
C PHE D 48 -3.01 -9.32 4.72
N ALA D 49 -2.69 -8.45 5.67
CA ALA D 49 -1.35 -8.40 6.20
C ALA D 49 -1.28 -8.79 7.68
N GLU D 50 -2.41 -8.68 8.36
CA GLU D 50 -2.42 -8.89 9.81
C GLU D 50 -3.69 -9.56 10.32
N PHE D 51 -3.54 -10.41 11.32
CA PHE D 51 -4.66 -11.11 11.95
C PHE D 51 -4.94 -10.53 13.34
N HIS D 52 -6.21 -10.52 13.72
CA HIS D 52 -6.61 -9.96 15.01
C HIS D 52 -7.00 -11.03 16.02
N ILE D 53 -6.69 -10.76 17.29
CA ILE D 53 -7.19 -11.57 18.40
C ILE D 53 -7.70 -10.64 19.49
N GLN D 54 -8.48 -11.18 20.43
CA GLN D 54 -9.04 -10.38 21.50
C GLN D 54 -8.85 -11.01 22.88
N THR D 55 -8.49 -10.19 23.85
CA THR D 55 -8.29 -10.64 25.22
C THR D 55 -8.24 -9.43 26.15
N HIS D 56 -8.78 -9.58 27.34
CA HIS D 56 -8.72 -8.52 28.34
C HIS D 56 -7.29 -8.39 28.85
N ARG D 57 -6.48 -9.39 28.53
CA ARG D 57 -5.07 -9.43 28.94
C ARG D 57 -4.27 -8.28 28.35
N LYS D 58 -3.04 -8.15 28.82
CA LYS D 58 -2.12 -7.15 28.27
C LYS D 58 -0.89 -7.82 27.70
N ILE D 59 -0.89 -8.06 26.40
CA ILE D 59 0.23 -8.71 25.73
C ILE D 59 1.35 -7.69 25.51
N PRO D 60 2.47 -7.87 26.21
CA PRO D 60 3.57 -6.89 26.23
C PRO D 60 4.17 -6.67 24.84
N SER D 61 4.05 -5.44 24.34
CA SER D 61 4.61 -5.09 23.04
C SER D 61 6.13 -5.03 23.09
N GLY D 62 6.75 -4.62 21.99
CA GLY D 62 8.19 -4.50 21.92
C GLY D 62 8.91 -5.84 21.95
N HIS D 63 8.29 -6.84 21.31
CA HIS D 63 8.90 -8.16 21.21
C HIS D 63 8.03 -9.05 20.33
N LYS D 64 8.57 -10.20 19.95
CA LYS D 64 7.87 -11.09 19.04
C LYS D 64 7.11 -12.19 19.78
N ILE D 65 5.79 -12.11 19.73
CA ILE D 65 4.92 -13.09 20.36
C ILE D 65 4.87 -14.40 19.58
N ARG D 66 5.08 -15.50 20.28
CA ARG D 66 5.06 -16.83 19.67
C ARG D 66 3.67 -17.47 19.80
N PHE D 67 3.30 -18.31 18.83
CA PHE D 67 1.94 -18.83 18.74
C PHE D 67 1.86 -20.35 18.60
N LEU D 68 0.64 -20.86 18.71
CA LEU D 68 0.37 -22.27 18.49
C LEU D 68 -1.06 -22.47 18.03
N LEU D 69 -1.25 -22.45 16.73
CA LEU D 69 -2.56 -22.66 16.13
C LEU D 69 -2.85 -24.15 16.09
N HIS D 70 -3.87 -24.58 16.85
CA HIS D 70 -4.16 -26.01 17.01
C HIS D 70 -5.05 -26.55 15.89
N SER D 71 -4.53 -26.54 14.67
CA SER D 71 -5.31 -26.94 13.50
C SER D 71 -5.49 -28.45 13.38
N ASP D 72 -6.32 -28.87 12.43
CA ASP D 72 -6.67 -30.27 12.23
C ASP D 72 -5.56 -31.10 11.60
N SER D 73 -4.61 -30.43 10.94
CA SER D 73 -3.52 -31.12 10.27
C SER D 73 -2.37 -31.41 11.23
N GLY D 74 -2.31 -30.66 12.32
CA GLY D 74 -1.27 -30.82 13.32
C GLY D 74 -1.19 -29.59 14.18
N LYS D 75 -0.08 -29.42 14.89
CA LYS D 75 0.14 -28.21 15.68
C LYS D 75 0.91 -27.19 14.85
N ILE D 76 0.21 -26.19 14.34
CA ILE D 76 0.83 -25.17 13.50
C ILE D 76 1.59 -24.14 14.33
N GLU D 77 2.92 -24.20 14.26
CA GLU D 77 3.77 -23.30 15.03
C GLU D 77 4.22 -22.13 14.16
N PHE D 78 4.22 -20.92 14.73
CA PHE D 78 4.65 -19.75 13.98
C PHE D 78 4.95 -18.54 14.86
N ASN D 79 5.57 -17.53 14.25
CA ASN D 79 5.93 -16.30 14.93
C ASN D 79 5.27 -15.11 14.27
N ALA D 80 4.75 -14.20 15.08
CA ALA D 80 4.12 -12.99 14.55
C ALA D 80 4.51 -11.77 15.37
N ALA D 81 4.41 -10.60 14.77
CA ALA D 81 4.79 -9.35 15.44
C ALA D 81 3.56 -8.48 15.74
N LEU D 82 3.47 -7.96 16.96
CA LEU D 82 2.38 -7.08 17.39
C LEU D 82 2.51 -5.70 16.78
N THR D 83 1.49 -5.32 16.02
CA THR D 83 1.55 -4.07 15.28
C THR D 83 0.61 -3.02 15.84
N LYS D 84 -0.60 -3.44 16.17
CA LYS D 84 -1.60 -2.52 16.69
C LYS D 84 -2.37 -3.11 17.85
N HIS D 85 -2.99 -2.23 18.63
CA HIS D 85 -3.89 -2.63 19.69
C HIS D 85 -4.70 -1.45 20.17
N ASP D 86 -5.97 -1.71 20.49
CA ASP D 86 -6.87 -0.69 21.00
C ASP D 86 -7.92 -1.44 21.80
N ASN D 87 -9.07 -0.83 22.02
CA ASN D 87 -10.11 -1.53 22.78
C ASN D 87 -11.19 -2.11 21.84
N SER D 88 -11.74 -3.27 22.20
CA SER D 88 -12.62 -4.06 21.31
C SER D 88 -14.10 -3.67 21.28
N GLY D 89 -14.52 -2.82 22.22
CA GLY D 89 -15.91 -2.43 22.33
C GLY D 89 -16.72 -3.53 22.96
N VAL D 90 -16.03 -4.50 23.55
CA VAL D 90 -16.66 -5.62 24.24
C VAL D 90 -16.04 -5.77 25.63
N ASP D 91 -16.57 -5.03 26.60
CA ASP D 91 -16.13 -5.17 27.98
C ASP D 91 -14.68 -4.74 28.12
N LYS D 92 -13.95 -5.42 28.99
CA LYS D 92 -12.54 -5.14 29.18
C LYS D 92 -11.73 -5.55 27.94
N GLY D 93 -12.33 -6.40 27.10
CA GLY D 93 -11.64 -6.95 25.95
C GLY D 93 -10.79 -5.95 25.17
N ILE D 94 -9.67 -6.44 24.65
CA ILE D 94 -8.76 -5.64 23.85
C ILE D 94 -8.63 -6.27 22.48
N ARG D 95 -8.44 -5.46 21.43
CA ARG D 95 -8.22 -6.02 20.10
C ARG D 95 -6.76 -5.85 19.67
N TYR D 96 -6.09 -6.98 19.44
CA TYR D 96 -4.69 -6.98 19.08
C TYR D 96 -4.48 -7.32 17.60
N ALA D 97 -3.91 -6.39 16.85
CA ALA D 97 -3.52 -6.65 15.47
C ALA D 97 -2.16 -7.32 15.43
N PHE D 98 -1.96 -8.21 14.47
CA PHE D 98 -0.75 -9.02 14.40
C PHE D 98 -0.27 -9.23 12.97
N SER D 99 0.92 -8.73 12.66
CA SER D 99 1.52 -8.99 11.34
C SER D 99 1.54 -10.48 11.07
N LEU D 100 0.89 -10.90 9.98
CA LEU D 100 0.87 -12.30 9.60
C LEU D 100 2.29 -12.83 9.53
N PRO D 101 2.49 -14.09 9.96
CA PRO D 101 3.82 -14.72 9.97
C PRO D 101 4.27 -15.08 8.56
N GLU D 102 5.51 -15.51 8.44
CA GLU D 102 6.05 -15.89 7.12
C GLU D 102 6.58 -17.33 7.12
N CYS D 103 6.29 -18.07 8.18
CA CYS D 103 6.74 -19.46 8.29
C CYS D 103 5.79 -20.27 9.16
N LEU D 104 5.57 -21.53 8.79
CA LEU D 104 4.69 -22.40 9.56
C LEU D 104 5.29 -23.79 9.74
N GLN D 105 5.84 -24.07 10.92
CA GLN D 105 6.37 -25.39 11.21
C GLN D 105 5.27 -26.28 11.75
N VAL D 106 4.60 -27.00 10.86
CA VAL D 106 3.49 -27.86 11.25
C VAL D 106 3.98 -29.15 11.93
N VAL D 107 4.48 -29.01 13.15
CA VAL D 107 4.87 -30.16 13.95
C VAL D 107 3.62 -30.98 14.26
N GLN D 108 3.80 -32.24 14.67
CA GLN D 108 2.67 -33.11 14.95
C GLN D 108 2.50 -33.34 16.45
N ARG D 109 3.21 -32.53 17.24
CA ARG D 109 3.18 -32.67 18.69
C ARG D 109 3.21 -31.30 19.37
N ARG D 110 2.99 -31.30 20.69
CA ARG D 110 2.97 -30.05 21.44
C ARG D 110 4.37 -29.66 21.88
N ARG D 111 4.84 -28.53 21.39
CA ARG D 111 6.16 -28.02 21.76
C ARG D 111 6.08 -26.64 22.41
N ASP D 112 5.68 -26.62 23.67
CA ASP D 112 5.54 -25.40 24.44
C ASP D 112 6.90 -24.72 24.62
N PRO D 113 7.03 -23.49 24.09
CA PRO D 113 8.30 -22.75 24.17
C PRO D 113 8.62 -22.30 25.59
N ARG D 114 7.63 -22.37 26.47
CA ARG D 114 7.80 -21.94 27.86
C ARG D 114 8.69 -22.90 28.65
N PHE D 115 9.00 -24.04 28.05
CA PHE D 115 9.92 -25.00 28.65
C PHE D 115 11.31 -24.82 28.06
N ARG D 116 12.22 -24.31 28.86
CA ARG D 116 13.59 -24.12 28.40
C ARG D 116 14.33 -25.45 28.40
N LEU D 117 15.46 -25.51 27.69
CA LEU D 117 16.27 -26.72 27.65
C LEU D 117 17.10 -26.85 28.92
N ARG D 118 16.89 -27.95 29.63
CA ARG D 118 17.69 -28.28 30.79
C ARG D 118 19.05 -28.78 30.32
N HIS D 119 20.00 -28.89 31.24
CA HIS D 119 21.35 -29.31 30.85
C HIS D 119 22.19 -29.70 32.05
N GLU D 120 23.15 -30.59 31.80
CA GLU D 120 24.07 -31.03 32.86
C GLU D 120 25.44 -30.39 32.69
N HIS D 121 25.45 -29.10 32.35
CA HIS D 121 26.70 -28.37 32.15
C HIS D 121 26.96 -27.37 33.27
N ASP D 122 28.15 -26.78 33.25
CA ASP D 122 28.52 -25.74 34.21
C ASP D 122 28.41 -24.37 33.58
N PHE D 123 27.19 -23.90 33.39
CA PHE D 123 26.96 -22.60 32.78
C PHE D 123 26.76 -21.51 33.83
N TYR D 124 27.33 -20.34 33.57
CA TYR D 124 27.29 -19.25 34.53
C TYR D 124 27.05 -17.93 33.82
N CYS D 125 26.58 -16.94 34.57
CA CYS D 125 26.40 -15.60 34.02
C CYS D 125 27.05 -14.59 34.93
N ARG D 126 27.99 -13.82 34.39
CA ARG D 126 28.70 -12.83 35.18
C ARG D 126 28.70 -11.45 34.54
N GLY D 127 29.13 -10.48 35.33
CA GLY D 127 29.19 -9.10 34.89
C GLY D 127 29.10 -8.17 36.09
N ARG D 128 29.04 -6.87 35.81
CA ARG D 128 28.87 -5.89 36.85
C ARG D 128 27.56 -5.15 36.67
N HIS D 129 27.00 -4.65 37.76
CA HIS D 129 25.76 -3.90 37.73
C HIS D 129 26.04 -2.43 37.45
N LYS D 130 24.98 -1.63 37.33
CA LYS D 130 25.13 -0.20 37.05
C LYS D 130 25.98 0.51 38.09
N ASN D 131 26.27 -0.18 39.20
CA ASN D 131 27.09 0.39 40.26
C ASN D 131 28.53 -0.12 40.25
N GLY D 132 28.85 -0.97 39.27
CA GLY D 132 30.18 -1.53 39.16
C GLY D 132 30.38 -2.76 40.01
N GLU D 133 29.32 -3.19 40.68
CA GLU D 133 29.37 -4.36 41.56
C GLU D 133 29.29 -5.65 40.74
N ASN D 134 30.12 -6.62 41.08
CA ASN D 134 30.15 -7.88 40.34
C ASN D 134 29.00 -8.81 40.71
N TYR D 135 28.66 -9.72 39.80
CA TYR D 135 27.65 -10.73 40.08
C TYR D 135 27.96 -12.04 39.35
N LEU D 136 27.40 -13.13 39.85
CA LEU D 136 27.60 -14.45 39.25
C LEU D 136 26.36 -15.30 39.45
N PHE D 137 25.79 -15.77 38.34
CA PHE D 137 24.59 -16.60 38.39
C PHE D 137 24.86 -18.03 37.97
N ASP D 138 24.01 -18.94 38.43
CA ASP D 138 24.02 -20.31 37.95
C ASP D 138 22.97 -20.42 36.85
N ILE D 139 23.43 -20.71 35.64
CA ILE D 139 22.52 -20.87 34.50
C ILE D 139 21.86 -22.23 34.51
N LYS D 140 20.60 -22.26 34.94
CA LYS D 140 19.90 -23.52 35.20
C LYS D 140 19.34 -24.17 33.92
N ASP D 141 18.60 -23.40 33.14
CA ASP D 141 18.11 -23.90 31.85
C ASP D 141 18.09 -22.80 30.79
N ILE D 142 18.18 -23.20 29.53
CA ILE D 142 18.37 -22.24 28.45
C ILE D 142 17.40 -22.46 27.28
N SER D 143 17.15 -21.39 26.54
CA SER D 143 16.40 -21.47 25.29
C SER D 143 16.91 -20.44 24.30
N ASP D 144 16.36 -20.45 23.10
CA ASP D 144 16.79 -19.57 22.03
C ASP D 144 16.60 -18.10 22.39
N GLY D 145 15.66 -17.83 23.29
CA GLY D 145 15.28 -16.47 23.60
C GLY D 145 15.52 -15.99 25.02
N GLY D 146 15.74 -16.92 25.94
CA GLY D 146 15.96 -16.56 27.33
C GLY D 146 16.64 -17.63 28.15
N CYS D 147 16.63 -17.45 29.47
CA CYS D 147 17.29 -18.39 30.38
C CYS D 147 16.82 -18.24 31.83
N ALA D 148 17.16 -19.24 32.64
CA ALA D 148 16.84 -19.20 34.07
C ALA D 148 18.12 -19.07 34.90
N LEU D 149 18.30 -17.92 35.52
CA LEU D 149 19.47 -17.69 36.37
C LEU D 149 19.15 -17.99 37.83
N MET D 150 20.17 -18.37 38.59
CA MET D 150 19.95 -18.72 39.99
C MET D 150 21.13 -18.36 40.90
N THR D 151 20.81 -17.81 42.06
CA THR D 151 21.82 -17.40 43.04
C THR D 151 21.20 -17.35 44.42
N LYS D 152 21.94 -17.82 45.42
CA LYS D 152 21.48 -17.77 46.80
C LYS D 152 21.64 -16.36 47.34
N THR D 153 22.55 -15.60 46.74
CA THR D 153 22.88 -14.26 47.20
C THR D 153 22.72 -13.23 46.10
N PRO D 154 21.48 -13.02 45.63
CA PRO D 154 21.24 -12.04 44.57
C PRO D 154 21.26 -10.63 45.11
N ASN D 155 21.48 -9.67 44.22
CA ASN D 155 21.36 -8.26 44.58
C ASN D 155 20.09 -7.69 43.98
N LEU D 156 19.02 -7.68 44.78
CA LEU D 156 17.68 -7.37 44.27
C LEU D 156 17.48 -5.90 43.91
N LYS D 157 18.43 -5.04 44.28
CA LYS D 157 18.30 -3.63 43.97
C LYS D 157 18.29 -3.38 42.46
N PHE D 158 18.84 -4.32 41.70
CA PHE D 158 18.92 -4.19 40.24
C PHE D 158 18.12 -5.26 39.51
N LEU D 159 17.32 -6.01 40.26
CA LEU D 159 16.60 -7.15 39.68
C LEU D 159 15.09 -6.95 39.65
N SER D 160 14.65 -5.71 39.48
CA SER D 160 13.22 -5.42 39.38
C SER D 160 12.63 -5.99 38.10
N HIS D 161 11.32 -5.92 37.96
CA HIS D 161 10.64 -6.41 36.77
C HIS D 161 11.04 -5.61 35.54
N ASN D 162 11.18 -6.31 34.41
CA ASN D 162 11.63 -5.68 33.17
C ASN D 162 12.88 -4.83 33.37
N ALA D 163 13.70 -5.22 34.34
CA ALA D 163 14.99 -4.57 34.55
C ALA D 163 15.97 -5.03 33.48
N LEU D 164 17.13 -4.39 33.40
CA LEU D 164 18.05 -4.66 32.30
C LEU D 164 19.48 -4.97 32.75
N LEU D 165 19.97 -6.14 32.33
CA LEU D 165 21.34 -6.55 32.61
C LEU D 165 22.25 -6.24 31.43
N LYS D 166 22.89 -5.08 31.48
CA LYS D 166 23.77 -4.64 30.41
C LYS D 166 25.03 -5.49 30.31
N ASN D 167 25.43 -5.81 29.08
CA ASN D 167 26.69 -6.50 28.83
C ASN D 167 26.92 -7.75 29.67
N ALA D 168 25.84 -8.35 30.14
CA ALA D 168 25.95 -9.60 30.89
C ALA D 168 26.75 -10.61 30.10
N VAL D 169 27.75 -11.21 30.74
CA VAL D 169 28.60 -12.19 30.07
C VAL D 169 28.12 -13.60 30.32
N LEU D 170 27.43 -14.18 29.35
CA LEU D 170 27.07 -15.58 29.43
C LEU D 170 28.35 -16.39 29.41
N MET D 171 28.45 -17.37 30.30
CA MET D 171 29.65 -18.22 30.36
C MET D 171 29.29 -19.65 29.97
N LEU D 172 29.30 -19.91 28.67
CA LEU D 172 28.88 -21.19 28.13
C LEU D 172 30.03 -22.17 28.04
N ALA D 173 30.86 -22.20 29.09
CA ALA D 173 31.95 -23.15 29.21
C ALA D 173 32.72 -23.37 27.90
N GLU D 174 32.47 -24.53 27.28
CA GLU D 174 33.21 -24.95 26.09
C GLU D 174 32.79 -24.17 24.85
N TYR D 175 31.55 -23.69 24.85
CA TYR D 175 31.00 -22.98 23.71
C TYR D 175 31.46 -21.52 23.68
N GLY D 176 32.23 -21.13 24.69
CA GLY D 176 32.78 -19.78 24.75
C GLY D 176 31.98 -18.83 25.60
N GLU D 177 32.10 -17.54 25.30
CA GLU D 177 31.38 -16.51 26.03
C GLU D 177 30.57 -15.63 25.07
N ILE D 178 29.39 -15.20 25.53
CA ILE D 178 28.58 -14.27 24.76
C ILE D 178 28.09 -13.14 25.64
N THR D 179 28.58 -11.94 25.36
CA THR D 179 28.16 -10.74 26.07
C THR D 179 26.88 -10.21 25.44
N ILE D 180 25.84 -10.03 26.26
CA ILE D 180 24.56 -9.53 25.76
C ILE D 180 23.83 -8.71 26.82
N ASP D 181 22.58 -8.41 26.55
CA ASP D 181 21.70 -7.76 27.52
C ASP D 181 20.63 -8.74 27.97
N LEU D 182 20.30 -8.69 29.25
CA LEU D 182 19.28 -9.58 29.82
C LEU D 182 18.18 -8.76 30.48
N VAL D 183 16.94 -9.19 30.29
CA VAL D 183 15.81 -8.52 30.93
C VAL D 183 15.12 -9.44 31.93
N VAL D 184 14.96 -8.95 33.15
CA VAL D 184 14.31 -9.72 34.21
C VAL D 184 12.81 -9.87 33.93
N LYS D 185 12.33 -11.10 34.01
CA LYS D 185 10.92 -11.38 33.73
C LYS D 185 10.20 -11.97 34.94
N ASN D 186 10.88 -12.82 35.69
CA ASN D 186 10.27 -13.51 36.82
C ASN D 186 11.26 -13.93 37.89
N VAL D 187 11.24 -13.24 39.02
CA VAL D 187 12.08 -13.61 40.15
C VAL D 187 11.25 -14.26 41.24
N ILE D 188 11.56 -15.52 41.53
CA ILE D 188 10.90 -16.24 42.61
C ILE D 188 11.95 -16.76 43.58
N VAL D 189 11.51 -17.17 44.77
CA VAL D 189 12.40 -17.70 45.79
C VAL D 189 12.00 -19.11 46.20
N ILE D 190 12.85 -20.08 45.91
CA ILE D 190 12.59 -21.45 46.31
C ILE D 190 13.29 -21.75 47.62
N THR D 191 12.59 -22.48 48.49
CA THR D 191 13.14 -22.81 49.80
C THR D 191 13.18 -24.31 50.04
N LEU D 192 14.32 -24.79 50.52
CA LEU D 192 14.50 -26.20 50.80
C LEU D 192 14.37 -26.50 52.29
N ASP D 193 13.32 -27.22 52.66
CA ASP D 193 13.15 -27.72 54.02
C ASP D 193 12.04 -28.76 54.12
N GLU D 198 18.00 -26.38 58.90
CA GLU D 198 18.69 -26.06 57.65
C GLU D 198 17.70 -25.61 56.57
N SER D 199 17.53 -24.30 56.43
CA SER D 199 16.67 -23.74 55.41
C SER D 199 17.43 -22.79 54.48
N GLU D 200 17.67 -23.23 53.26
CA GLU D 200 18.38 -22.42 52.27
C GLU D 200 17.45 -22.00 51.14
N SER D 201 17.55 -20.73 50.75
CA SER D 201 16.64 -20.16 49.77
C SER D 201 17.39 -19.67 48.53
N TYR D 202 16.97 -20.14 47.36
CA TYR D 202 17.60 -19.75 46.11
C TYR D 202 16.66 -18.87 45.30
N TYR D 203 17.22 -17.82 44.69
CA TYR D 203 16.44 -16.93 43.84
C TYR D 203 16.53 -17.35 42.37
N GLN D 204 15.39 -17.61 41.76
CA GLN D 204 15.35 -17.96 40.34
C GLN D 204 14.88 -16.79 39.49
N ILE D 205 15.83 -16.10 38.88
CA ILE D 205 15.52 -14.96 38.02
C ILE D 205 15.36 -15.40 36.57
N SER D 206 14.13 -15.51 36.10
CA SER D 206 13.87 -15.82 34.70
C SER D 206 14.18 -14.59 33.84
N CYS D 207 14.82 -14.82 32.70
CA CYS D 207 15.26 -13.71 31.86
C CYS D 207 15.06 -13.99 30.37
N GLN D 208 15.08 -12.91 29.60
CA GLN D 208 14.98 -12.99 28.15
C GLN D 208 16.18 -12.27 27.55
N PHE D 209 16.78 -12.88 26.53
CA PHE D 209 17.96 -12.31 25.90
C PHE D 209 17.61 -11.10 25.05
N LYS D 210 18.44 -10.07 25.12
CA LYS D 210 18.37 -8.96 24.19
C LYS D 210 19.74 -8.85 23.54
N PHE D 211 19.93 -9.59 22.46
CA PHE D 211 21.22 -9.64 21.77
C PHE D 211 21.71 -8.28 21.27
N ARG D 212 22.98 -8.27 20.88
CA ARG D 212 23.63 -7.11 20.34
C ARG D 212 23.95 -7.36 18.86
N HIS D 213 23.51 -8.49 18.34
CA HIS D 213 23.87 -8.89 17.00
C HIS D 213 23.29 -10.26 16.73
N LEU D 214 22.88 -10.47 15.50
CA LEU D 214 22.29 -11.73 15.12
C LEU D 214 23.25 -12.91 15.29
N ASP D 215 24.47 -12.79 14.79
CA ASP D 215 25.42 -13.90 14.86
C ASP D 215 25.43 -14.50 16.25
N ASP D 216 25.19 -13.66 17.26
CA ASP D 216 25.05 -14.10 18.64
C ASP D 216 23.88 -15.05 18.77
N GLN D 217 22.70 -14.59 18.36
CA GLN D 217 21.50 -15.41 18.42
C GLN D 217 21.69 -16.73 17.69
N ARG D 218 22.17 -16.66 16.46
CA ARG D 218 22.43 -17.85 15.67
C ARG D 218 23.42 -18.77 16.39
N ARG D 219 24.47 -18.17 16.91
CA ARG D 219 25.50 -18.89 17.66
C ARG D 219 24.87 -19.64 18.84
N ILE D 220 24.08 -18.93 19.63
CA ILE D 220 23.34 -19.54 20.71
C ILE D 220 22.44 -20.67 20.18
N GLU D 221 21.78 -20.42 19.06
CA GLU D 221 20.95 -21.43 18.44
C GLU D 221 21.76 -22.67 18.13
N LYS D 222 22.96 -22.46 17.60
CA LYS D 222 23.88 -23.57 17.31
C LYS D 222 24.21 -24.34 18.57
N ILE D 223 24.29 -23.64 19.68
CA ILE D 223 24.58 -24.28 20.95
C ILE D 223 23.47 -25.20 21.42
N LEU D 224 22.24 -24.72 21.29
CA LEU D 224 21.07 -25.45 21.78
C LEU D 224 20.87 -26.77 21.07
N LEU D 225 20.90 -26.75 19.75
CA LEU D 225 20.87 -27.98 18.96
C LEU D 225 21.95 -28.94 19.40
N ASP D 226 23.15 -28.41 19.61
CA ASP D 226 24.27 -29.23 20.07
C ASP D 226 23.90 -29.94 21.38
N LEU D 227 23.13 -29.25 22.21
CA LEU D 227 22.71 -29.82 23.47
C LEU D 227 21.47 -30.70 23.31
N ILE D 228 20.67 -30.41 22.29
CA ILE D 228 19.47 -31.19 22.03
C ILE D 228 19.80 -32.65 21.72
N LEU D 229 20.59 -32.86 20.68
CA LEU D 229 21.05 -34.20 20.34
C LEU D 229 21.98 -34.75 21.42
N GLU D 230 22.53 -33.83 22.21
CA GLU D 230 23.40 -34.19 23.32
C GLU D 230 22.60 -34.97 24.35
N ALA D 231 21.29 -35.09 24.11
CA ALA D 231 20.40 -35.85 24.98
C ALA D 231 20.02 -37.18 24.35
N LYS D 232 20.24 -37.29 23.04
CA LYS D 232 19.96 -38.54 22.34
C LYS D 232 21.12 -39.52 22.50
N ARG D 233 22.33 -38.99 22.51
CA ARG D 233 23.49 -39.83 22.77
C ARG D 233 23.37 -40.37 24.20
N LYS D 234 22.88 -39.52 25.11
CA LYS D 234 22.75 -39.91 26.51
C LYS D 234 21.81 -41.10 26.67
N LYS D 235 20.78 -41.17 25.83
CA LYS D 235 19.89 -42.34 25.83
C LYS D 235 20.30 -43.40 24.79
#